data_8WWQ
#
_entry.id   8WWQ
#
_cell.length_a   46.825
_cell.length_b   103.086
_cell.length_c   84.203
_cell.angle_alpha   90.000
_cell.angle_beta   103.283
_cell.angle_gamma   90.000
#
_symmetry.space_group_name_H-M   'P 1 21 1'
#
loop_
_entity.id
_entity.type
_entity.pdbx_description
1 polymer 'geniposidic acid O-methyltransferase'
2 non-polymer 'Geniposidic acid'
3 non-polymer S-ADENOSYL-L-HOMOCYSTEINE
4 non-polymer 'MAGNESIUM ION'
5 non-polymer 1,2-ETHANEDIOL
6 water water
#
_entity_poly.entity_id   1
_entity_poly.type   'polypeptide(L)'
_entity_poly.pdbx_seq_one_letter_code
;MGTEAKEKPESHPMNGGDDSKSYAQNSSYQKGVIEAAKAEVLLAIKEKLDFKTDWPRTFVIADYGCSTGPNTFFAMQNIV
EAVELKNKSLQKPPIVDFHVFFNDLVDNDFNTLFKSLPSARNYFAAAVPGSFYERLFPKASLHLANSSYALHWLSKVPEE
VRDQNSLAWNKSRTYCSGTNKEVTGAYFAQFRKDLNRFLNARAEELVGGGLLVIQLPGVPSGALPFNTGAGFLQELLGPC
LFEMADLGFISHEKVYSFNLPMYFPSIEELNLVIKGNGHFTAEKIKILNHPMQQLLFDAKMTCLQFRSIFEGFIKDHFEI
DIVDQLFDLYAKKLEESCSIFDQEIRKDVDLFVLLKRVLEHHHHHH
;
_entity_poly.pdbx_strand_id   A,B
#
# COMPACT_ATOMS: atom_id res chain seq x y z
N HIS A 12 -14.83 -10.08 2.31
CA HIS A 12 -15.15 -8.62 2.34
C HIS A 12 -14.35 -7.91 3.43
N PRO A 13 -13.86 -6.69 3.18
CA PRO A 13 -13.12 -5.92 4.17
C PRO A 13 -14.09 -5.31 5.18
N MET A 14 -13.53 -4.69 6.22
CA MET A 14 -14.31 -4.04 7.26
C MET A 14 -14.77 -2.67 6.77
N ASN A 15 -15.69 -2.02 7.52
CA ASN A 15 -16.12 -0.66 7.21
C ASN A 15 -14.89 0.25 7.14
N GLY A 16 -14.67 0.87 5.97
CA GLY A 16 -13.52 1.73 5.77
C GLY A 16 -13.73 3.12 6.35
N GLY A 17 -12.86 4.06 5.97
CA GLY A 17 -12.93 5.44 6.45
C GLY A 17 -12.60 5.53 7.94
N ASP A 18 -13.03 6.64 8.55
CA ASP A 18 -12.76 6.94 9.95
C ASP A 18 -14.02 7.49 10.63
N ASP A 19 -15.21 7.23 10.09
CA ASP A 19 -16.44 7.76 10.67
C ASP A 19 -16.81 6.92 11.89
N SER A 20 -17.99 7.21 12.46
CA SER A 20 -18.43 6.59 13.71
C SER A 20 -18.77 5.11 13.51
N LYS A 21 -19.05 4.69 12.28
CA LYS A 21 -19.41 3.30 12.00
C LYS A 21 -18.21 2.52 11.48
N SER A 22 -17.02 3.14 11.45
CA SER A 22 -15.86 2.57 10.79
C SER A 22 -15.16 1.53 11.67
N TYR A 23 -14.45 0.59 11.02
CA TYR A 23 -13.61 -0.37 11.72
C TYR A 23 -12.60 0.35 12.59
N ALA A 24 -11.96 1.39 12.03
CA ALA A 24 -10.89 2.11 12.71
C ALA A 24 -11.37 2.63 14.07
N GLN A 25 -12.65 3.03 14.14
CA GLN A 25 -13.19 3.67 15.33
C GLN A 25 -13.81 2.63 16.26
N ASN A 26 -13.91 1.35 15.86
CA ASN A 26 -14.73 0.41 16.60
C ASN A 26 -14.03 -0.94 16.77
N SER A 27 -12.71 -0.93 16.95
CA SER A 27 -11.96 -2.18 17.01
C SER A 27 -11.07 -2.25 18.25
N SER A 28 -11.54 -1.67 19.37
CA SER A 28 -10.78 -1.63 20.61
C SER A 28 -10.60 -3.04 21.21
N TYR A 29 -11.60 -3.90 21.04
CA TYR A 29 -11.48 -5.28 21.52
C TYR A 29 -10.27 -5.96 20.84
N GLN A 30 -10.18 -5.82 19.51
CA GLN A 30 -9.09 -6.40 18.74
C GLN A 30 -7.75 -5.80 19.16
N LYS A 31 -7.74 -4.54 19.54
CA LYS A 31 -6.52 -3.92 20.02
C LYS A 31 -6.12 -4.54 21.36
N GLY A 32 -7.12 -4.84 22.20
CA GLY A 32 -6.87 -5.56 23.44
C GLY A 32 -6.22 -6.93 23.20
N VAL A 33 -6.60 -7.61 22.13
CA VAL A 33 -6.00 -8.90 21.80
C VAL A 33 -4.50 -8.71 21.56
N ILE A 34 -4.14 -7.69 20.77
CA ILE A 34 -2.74 -7.40 20.48
C ILE A 34 -2.02 -7.02 21.78
N GLU A 35 -2.71 -6.26 22.65
CA GLU A 35 -2.13 -5.82 23.91
C GLU A 35 -1.75 -7.03 24.77
N ALA A 36 -2.70 -7.96 24.92
CA ALA A 36 -2.49 -9.17 25.70
C ALA A 36 -1.42 -10.05 25.06
N ALA A 37 -1.31 -9.97 23.72
CA ALA A 37 -0.33 -10.75 22.97
C ALA A 37 1.10 -10.26 23.20
N LYS A 38 1.25 -8.99 23.61
CA LYS A 38 2.56 -8.36 23.64
C LYS A 38 3.58 -9.20 24.42
N ALA A 39 3.22 -9.67 25.61
CA ALA A 39 4.17 -10.42 26.43
C ALA A 39 4.59 -11.72 25.72
N GLU A 40 3.69 -12.34 24.96
CA GLU A 40 4.02 -13.57 24.25
C GLU A 40 4.92 -13.25 23.05
N VAL A 41 4.71 -12.08 22.44
CA VAL A 41 5.54 -11.64 21.34
C VAL A 41 6.98 -11.43 21.86
N LEU A 42 7.12 -10.82 23.04
CA LEU A 42 8.46 -10.60 23.61
C LEU A 42 9.15 -11.93 23.86
N LEU A 43 8.41 -12.90 24.43
CA LEU A 43 8.98 -14.21 24.72
C LEU A 43 9.35 -14.92 23.41
N ALA A 44 8.52 -14.79 22.38
CA ALA A 44 8.76 -15.44 21.09
C ALA A 44 10.10 -14.95 20.51
N ILE A 45 10.30 -13.63 20.57
CA ILE A 45 11.51 -13.03 20.04
C ILE A 45 12.71 -13.47 20.88
N LYS A 46 12.61 -13.26 22.19
CA LYS A 46 13.66 -13.64 23.12
C LYS A 46 14.07 -15.11 22.91
N GLU A 47 13.06 -16.00 22.82
CA GLU A 47 13.30 -17.43 22.93
C GLU A 47 13.50 -18.06 21.56
N LYS A 48 12.72 -17.65 20.55
CA LYS A 48 12.62 -18.42 19.32
C LYS A 48 13.16 -17.71 18.07
N LEU A 49 13.50 -16.42 18.16
CA LEU A 49 14.03 -15.72 17.00
C LEU A 49 15.55 -15.77 17.02
N ASP A 50 16.13 -16.58 16.12
CA ASP A 50 17.56 -16.86 16.13
C ASP A 50 17.97 -17.32 14.74
N PHE A 51 18.66 -16.45 14.00
CA PHE A 51 19.18 -16.79 12.69
C PHE A 51 20.69 -17.06 12.77
N LYS A 52 21.17 -17.44 13.97
CA LYS A 52 22.51 -17.96 14.14
C LYS A 52 23.53 -16.93 13.66
N THR A 53 24.31 -17.27 12.62
CA THR A 53 25.25 -16.32 12.05
C THR A 53 24.79 -15.81 10.69
N ASP A 54 23.49 -15.92 10.37
CA ASP A 54 22.98 -15.36 9.12
C ASP A 54 21.79 -14.44 9.39
N TRP A 55 21.95 -13.51 10.35
CA TRP A 55 20.95 -12.47 10.58
C TRP A 55 20.93 -11.51 9.40
N PRO A 56 19.74 -11.03 8.97
CA PRO A 56 19.66 -10.12 7.83
C PRO A 56 20.01 -8.69 8.23
N ARG A 57 20.45 -7.90 7.26
CA ARG A 57 20.67 -6.47 7.45
C ARG A 57 19.32 -5.75 7.45
N THR A 58 18.38 -6.27 6.65
CA THR A 58 17.03 -5.73 6.59
C THR A 58 16.03 -6.76 7.13
N PHE A 59 15.39 -6.44 8.26
CA PHE A 59 14.47 -7.37 8.90
C PHE A 59 13.07 -7.10 8.36
N VAL A 60 12.44 -8.13 7.77
CA VAL A 60 11.24 -7.96 6.98
C VAL A 60 10.07 -8.62 7.69
N ILE A 61 9.00 -7.84 7.88
CA ILE A 61 7.80 -8.24 8.60
C ILE A 61 6.59 -8.03 7.69
N ALA A 62 5.65 -8.97 7.75
CA ALA A 62 4.38 -8.78 7.06
C ALA A 62 3.21 -9.12 7.98
N ASP A 63 2.20 -8.24 7.92
CA ASP A 63 0.96 -8.40 8.66
C ASP A 63 -0.14 -8.81 7.70
N TYR A 64 -0.75 -9.97 7.96
CA TYR A 64 -1.79 -10.50 7.10
C TYR A 64 -3.18 -10.19 7.66
N GLY A 65 -3.93 -9.35 6.94
CA GLY A 65 -5.25 -8.90 7.36
C GLY A 65 -5.16 -7.66 8.25
N CYS A 66 -4.53 -6.60 7.72
CA CYS A 66 -4.15 -5.46 8.54
C CYS A 66 -5.30 -4.49 8.74
N SER A 67 -6.28 -4.51 7.84
CA SER A 67 -7.38 -3.56 7.84
C SER A 67 -6.87 -2.12 7.68
N THR A 68 -7.44 -1.16 8.44
CA THR A 68 -7.26 0.26 8.14
C THR A 68 -6.52 0.99 9.25
N GLY A 69 -6.04 0.25 10.25
CA GLY A 69 -5.45 0.86 11.42
C GLY A 69 -6.52 1.29 12.41
N PRO A 70 -6.17 1.71 13.64
CA PRO A 70 -4.78 1.78 14.10
C PRO A 70 -4.16 0.50 14.69
N ASN A 71 -4.93 -0.59 14.73
CA ASN A 71 -4.45 -1.78 15.42
C ASN A 71 -3.18 -2.32 14.77
N THR A 72 -3.13 -2.33 13.42
CA THR A 72 -2.00 -2.92 12.72
C THR A 72 -0.71 -2.19 13.08
N PHE A 73 -0.76 -0.86 13.16
CA PHE A 73 0.41 -0.06 13.54
C PHE A 73 0.86 -0.39 14.96
N PHE A 74 -0.12 -0.64 15.84
CA PHE A 74 0.18 -1.06 17.21
C PHE A 74 0.89 -2.41 17.20
N ALA A 75 0.32 -3.40 16.49
CA ALA A 75 0.89 -4.74 16.47
C ALA A 75 2.31 -4.69 15.90
N MET A 76 2.50 -3.89 14.86
CA MET A 76 3.78 -3.86 14.16
C MET A 76 4.84 -3.17 15.02
N GLN A 77 4.46 -2.06 15.68
CA GLN A 77 5.38 -1.35 16.54
C GLN A 77 5.86 -2.25 17.68
N ASN A 78 4.96 -3.05 18.26
CA ASN A 78 5.35 -3.96 19.33
C ASN A 78 6.38 -4.97 18.82
N ILE A 79 6.19 -5.47 17.60
CA ILE A 79 7.11 -6.45 17.04
C ILE A 79 8.46 -5.79 16.76
N VAL A 80 8.43 -4.60 16.15
CA VAL A 80 9.67 -3.93 15.76
C VAL A 80 10.50 -3.64 17.02
N GLU A 81 9.85 -3.17 18.08
CA GLU A 81 10.56 -2.82 19.31
C GLU A 81 11.20 -4.07 19.91
N ALA A 82 10.46 -5.19 19.94
CA ALA A 82 10.98 -6.44 20.47
C ALA A 82 12.23 -6.88 19.70
N VAL A 83 12.12 -6.86 18.36
CA VAL A 83 13.21 -7.32 17.52
C VAL A 83 14.39 -6.36 17.68
N GLU A 84 14.11 -5.06 17.80
CA GLU A 84 15.18 -4.09 17.93
C GLU A 84 15.88 -4.25 19.28
N LEU A 85 15.13 -4.51 20.34
CA LEU A 85 15.76 -4.80 21.61
C LEU A 85 16.71 -5.99 21.44
N LYS A 86 16.24 -7.06 20.79
CA LYS A 86 17.09 -8.20 20.58
C LYS A 86 18.33 -7.79 19.79
N ASN A 87 18.11 -7.02 18.71
CA ASN A 87 19.17 -6.62 17.82
C ASN A 87 20.31 -5.93 18.60
N LYS A 88 19.95 -4.98 19.48
CA LYS A 88 20.95 -4.19 20.19
C LYS A 88 21.64 -5.01 21.27
N SER A 89 21.10 -6.19 21.57
CA SER A 89 21.68 -7.08 22.56
C SER A 89 22.73 -8.01 21.95
N LEU A 90 22.83 -8.01 20.62
CA LEU A 90 23.87 -8.78 19.94
C LEU A 90 25.13 -7.92 19.82
N GLN A 91 26.29 -8.59 19.91
CA GLN A 91 27.57 -7.91 20.01
C GLN A 91 27.81 -7.04 18.78
N LYS A 92 27.52 -7.59 17.61
CA LYS A 92 27.53 -6.84 16.37
C LYS A 92 26.08 -6.73 15.88
N PRO A 93 25.29 -5.73 16.33
CA PRO A 93 23.87 -5.67 15.98
C PRO A 93 23.68 -5.82 14.47
N PRO A 94 23.14 -6.95 13.99
CA PRO A 94 23.12 -7.24 12.55
C PRO A 94 22.12 -6.43 11.73
N ILE A 95 21.02 -5.98 12.36
CA ILE A 95 19.92 -5.39 11.61
C ILE A 95 20.15 -3.88 11.50
N VAL A 96 20.06 -3.40 10.25
CA VAL A 96 20.25 -2.01 9.92
C VAL A 96 18.90 -1.34 9.73
N ASP A 97 17.97 -1.99 9.05
CA ASP A 97 16.66 -1.39 8.87
C ASP A 97 15.59 -2.47 8.93
N PHE A 98 14.35 -1.98 9.04
CA PHE A 98 13.15 -2.80 9.09
C PHE A 98 12.26 -2.48 7.90
N HIS A 99 11.61 -3.51 7.36
CA HIS A 99 10.67 -3.32 6.27
C HIS A 99 9.38 -4.00 6.67
N VAL A 100 8.31 -3.21 6.78
CA VAL A 100 7.04 -3.72 7.30
C VAL A 100 5.99 -3.61 6.21
N PHE A 101 5.39 -4.76 5.89
CA PHE A 101 4.39 -4.86 4.84
C PHE A 101 3.00 -5.09 5.45
N PHE A 102 2.04 -4.32 4.95
CA PHE A 102 0.66 -4.35 5.40
C PHE A 102 -0.27 -4.96 4.35
N ASN A 103 -0.78 -6.16 4.62
CA ASN A 103 -1.58 -6.89 3.64
C ASN A 103 -3.06 -6.95 4.06
N ASP A 104 -3.93 -6.73 3.06
CA ASP A 104 -5.36 -6.98 3.17
C ASP A 104 -5.93 -7.19 1.77
N LEU A 105 -7.23 -7.52 1.70
CA LEU A 105 -7.93 -7.69 0.43
C LEU A 105 -7.85 -6.39 -0.36
N VAL A 106 -8.11 -6.48 -1.67
CA VAL A 106 -7.88 -5.38 -2.59
C VAL A 106 -8.87 -4.25 -2.35
N ASP A 107 -10.05 -4.54 -1.77
CA ASP A 107 -11.11 -3.58 -1.50
C ASP A 107 -10.97 -2.96 -0.11
N ASN A 108 -9.98 -3.39 0.69
CA ASN A 108 -9.60 -2.72 1.92
C ASN A 108 -9.28 -1.25 1.65
N ASP A 109 -9.60 -0.37 2.63
CA ASP A 109 -9.41 1.05 2.44
C ASP A 109 -7.96 1.41 2.74
N PHE A 110 -7.06 1.12 1.79
CA PHE A 110 -5.64 1.40 1.95
C PHE A 110 -5.37 2.91 2.02
N ASN A 111 -6.21 3.71 1.37
CA ASN A 111 -6.06 5.15 1.45
C ASN A 111 -6.10 5.57 2.92
N THR A 112 -7.12 5.08 3.64
CA THR A 112 -7.27 5.40 5.05
C THR A 112 -6.09 4.82 5.84
N LEU A 113 -5.71 3.57 5.54
CA LEU A 113 -4.57 2.95 6.20
C LEU A 113 -3.34 3.84 6.10
N PHE A 114 -3.03 4.35 4.90
CA PHE A 114 -1.83 5.12 4.64
C PHE A 114 -1.86 6.51 5.30
N LYS A 115 -3.03 7.15 5.32
CA LYS A 115 -3.17 8.43 5.99
C LYS A 115 -2.97 8.26 7.49
N SER A 116 -3.16 7.02 8.00
CA SER A 116 -3.08 6.75 9.43
C SER A 116 -1.69 6.26 9.84
N LEU A 117 -0.89 5.76 8.89
CA LEU A 117 0.48 5.32 9.16
C LEU A 117 1.26 6.48 9.79
N PRO A 118 2.02 6.25 10.89
CA PRO A 118 2.87 7.28 11.47
C PRO A 118 3.95 7.75 10.49
N SER A 119 4.07 9.06 10.33
CA SER A 119 5.07 9.65 9.45
C SER A 119 6.40 9.73 10.18
N ALA A 120 6.35 9.65 11.51
CA ALA A 120 7.55 9.63 12.34
C ALA A 120 7.72 8.21 12.87
N ARG A 121 8.61 7.43 12.24
CA ARG A 121 8.75 6.03 12.59
C ARG A 121 10.10 5.48 12.14
N ASN A 122 10.44 4.30 12.66
CA ASN A 122 11.75 3.71 12.46
C ASN A 122 11.68 2.50 11.52
N TYR A 123 10.69 2.45 10.64
CA TYR A 123 10.61 1.35 9.68
C TYR A 123 10.10 1.86 8.34
N PHE A 124 10.59 1.21 7.28
CA PHE A 124 10.08 1.43 5.94
C PHE A 124 8.81 0.63 5.83
N ALA A 125 7.82 1.16 5.08
CA ALA A 125 6.48 0.62 5.06
C ALA A 125 5.96 0.45 3.63
N ALA A 126 5.12 -0.57 3.42
CA ALA A 126 4.46 -0.80 2.14
C ALA A 126 3.16 -1.57 2.38
N ALA A 127 2.20 -1.44 1.46
CA ALA A 127 0.95 -2.20 1.51
C ALA A 127 0.85 -3.16 0.32
N VAL A 128 0.24 -4.33 0.55
CA VAL A 128 0.14 -5.38 -0.45
C VAL A 128 -1.31 -5.85 -0.54
N PRO A 129 -2.01 -5.63 -1.68
CA PRO A 129 -3.39 -6.08 -1.83
C PRO A 129 -3.44 -7.55 -2.25
N GLY A 130 -4.46 -8.28 -1.78
CA GLY A 130 -4.67 -9.64 -2.24
C GLY A 130 -5.03 -10.57 -1.09
N SER A 131 -5.62 -11.72 -1.46
CA SER A 131 -6.02 -12.72 -0.50
C SER A 131 -4.79 -13.38 0.11
N PHE A 132 -4.76 -13.52 1.44
CA PHE A 132 -3.66 -14.23 2.07
C PHE A 132 -3.81 -15.75 1.90
N TYR A 133 -4.82 -16.24 1.18
CA TYR A 133 -4.86 -17.64 0.75
C TYR A 133 -4.08 -17.85 -0.55
N GLU A 134 -3.48 -16.78 -1.08
CA GLU A 134 -2.58 -16.86 -2.23
C GLU A 134 -1.20 -16.40 -1.78
N ARG A 135 -0.23 -16.57 -2.69
CA ARG A 135 1.11 -15.98 -2.54
C ARG A 135 1.02 -14.46 -2.70
N LEU A 136 1.70 -13.75 -1.80
CA LEU A 136 1.69 -12.29 -1.79
C LEU A 136 3.10 -11.70 -1.90
N PHE A 137 4.11 -12.52 -1.60
CA PHE A 137 5.47 -12.04 -1.48
C PHE A 137 6.43 -13.00 -2.18
N PRO A 138 7.62 -12.50 -2.59
CA PRO A 138 8.70 -13.35 -3.08
C PRO A 138 9.11 -14.45 -2.12
N LYS A 139 9.68 -15.51 -2.67
CA LYS A 139 10.11 -16.66 -1.91
C LYS A 139 11.19 -16.25 -0.93
N ALA A 140 11.08 -16.75 0.32
CA ALA A 140 12.14 -16.60 1.31
C ALA A 140 12.53 -15.13 1.43
N SER A 141 11.52 -14.27 1.61
CA SER A 141 11.72 -12.83 1.72
C SER A 141 11.39 -12.30 3.12
N LEU A 142 10.68 -13.08 3.93
CA LEU A 142 10.14 -12.60 5.20
C LEU A 142 10.86 -13.26 6.39
N HIS A 143 11.05 -12.51 7.47
CA HIS A 143 11.63 -13.03 8.70
C HIS A 143 10.56 -13.28 9.76
N LEU A 144 9.46 -12.51 9.72
CA LEU A 144 8.38 -12.70 10.66
C LEU A 144 7.06 -12.33 9.99
N ALA A 145 6.09 -13.24 10.12
CA ALA A 145 4.75 -13.06 9.63
C ALA A 145 3.80 -12.92 10.83
N ASN A 146 2.87 -11.97 10.73
CA ASN A 146 1.89 -11.72 11.78
C ASN A 146 0.48 -11.82 11.20
N SER A 147 -0.46 -12.33 12.01
CA SER A 147 -1.87 -12.27 11.69
C SER A 147 -2.70 -12.14 12.97
N SER A 148 -3.37 -11.00 13.12
CA SER A 148 -4.13 -10.69 14.32
C SER A 148 -5.61 -10.60 13.96
N TYR A 149 -6.40 -11.57 14.45
CA TYR A 149 -7.84 -11.59 14.31
C TYR A 149 -8.21 -11.54 12.82
N ALA A 150 -7.58 -12.42 12.02
CA ALA A 150 -7.87 -12.52 10.60
C ALA A 150 -8.12 -13.96 10.13
N LEU A 151 -7.50 -14.97 10.76
CA LEU A 151 -7.45 -16.33 10.21
C LEU A 151 -8.72 -17.13 10.51
N HIS A 152 -9.66 -16.51 11.23
CA HIS A 152 -10.99 -17.08 11.36
C HIS A 152 -11.80 -16.81 10.08
N TRP A 153 -11.33 -15.90 9.22
CA TRP A 153 -11.99 -15.63 7.94
C TRP A 153 -11.57 -16.66 6.89
N LEU A 154 -12.56 -17.45 6.43
CA LEU A 154 -12.36 -18.47 5.42
C LEU A 154 -12.24 -17.80 4.06
N SER A 155 -11.82 -18.58 3.05
CA SER A 155 -11.69 -18.09 1.70
C SER A 155 -13.08 -17.98 1.08
N LYS A 156 -14.03 -18.75 1.62
CA LYS A 156 -15.42 -18.69 1.20
C LYS A 156 -16.28 -19.45 2.20
N VAL A 157 -17.59 -19.25 2.03
CA VAL A 157 -18.56 -20.11 2.69
C VAL A 157 -18.42 -21.50 2.07
N PRO A 158 -18.39 -22.59 2.88
CA PRO A 158 -18.41 -23.95 2.37
C PRO A 158 -19.61 -24.13 1.46
N GLU A 159 -19.40 -24.83 0.34
CA GLU A 159 -20.44 -25.00 -0.65
C GLU A 159 -21.59 -25.80 -0.05
N GLU A 160 -21.26 -26.83 0.75
CA GLU A 160 -22.25 -27.76 1.25
C GLU A 160 -23.30 -27.04 2.10
N VAL A 161 -22.94 -25.96 2.79
CA VAL A 161 -23.88 -25.33 3.70
C VAL A 161 -24.85 -24.43 2.92
N ARG A 162 -24.55 -24.17 1.63
CA ARG A 162 -25.43 -23.36 0.80
C ARG A 162 -26.42 -24.28 0.07
N ASP A 163 -26.25 -25.59 0.26
CA ASP A 163 -26.93 -26.59 -0.54
C ASP A 163 -28.18 -27.09 0.18
N GLN A 164 -29.35 -26.60 -0.26
CA GLN A 164 -30.62 -26.86 0.39
C GLN A 164 -30.93 -28.36 0.49
N ASN A 165 -30.30 -29.19 -0.35
CA ASN A 165 -30.53 -30.63 -0.33
C ASN A 165 -29.51 -31.33 0.57
N SER A 166 -28.53 -30.59 1.11
CA SER A 166 -27.50 -31.19 1.95
C SER A 166 -27.95 -31.20 3.41
N LEU A 167 -27.51 -32.24 4.13
CA LEU A 167 -27.64 -32.32 5.58
C LEU A 167 -26.87 -31.18 6.25
N ALA A 168 -25.97 -30.53 5.48
CA ALA A 168 -25.11 -29.48 6.01
C ALA A 168 -25.71 -28.10 5.74
N TRP A 169 -26.95 -28.05 5.25
CA TRP A 169 -27.59 -26.80 4.91
C TRP A 169 -27.79 -25.99 6.18
N ASN A 170 -27.20 -24.79 6.24
CA ASN A 170 -27.10 -24.06 7.50
C ASN A 170 -28.23 -23.05 7.57
N LYS A 171 -29.46 -23.53 7.42
CA LYS A 171 -30.60 -22.65 7.18
C LYS A 171 -30.96 -21.83 8.43
N SER A 172 -30.54 -22.29 9.63
CA SER A 172 -31.05 -21.72 10.88
C SER A 172 -30.13 -20.66 11.47
N ARG A 173 -28.87 -20.62 11.02
CA ARG A 173 -27.86 -19.77 11.63
C ARG A 173 -27.02 -19.08 10.57
N THR A 174 -26.33 -18.02 11.00
CA THR A 174 -25.49 -17.20 10.15
C THR A 174 -24.06 -17.73 10.07
N TYR A 175 -23.76 -18.77 10.85
CA TYR A 175 -22.39 -19.18 11.11
C TYR A 175 -22.40 -20.62 11.61
N CYS A 176 -21.22 -21.15 11.95
CA CYS A 176 -21.12 -22.51 12.52
C CYS A 176 -21.15 -22.48 14.05
N SER A 177 -22.32 -22.83 14.63
CA SER A 177 -22.50 -22.82 16.08
C SER A 177 -21.72 -23.94 16.77
N GLY A 178 -21.47 -25.02 16.04
CA GLY A 178 -20.90 -26.21 16.65
C GLY A 178 -21.97 -27.20 17.09
N THR A 179 -23.26 -26.81 17.02
CA THR A 179 -24.33 -27.65 17.53
C THR A 179 -24.88 -28.56 16.45
N ASN A 180 -24.66 -28.21 15.17
CA ASN A 180 -25.09 -29.08 14.08
C ASN A 180 -23.87 -29.80 13.53
N LYS A 181 -23.93 -31.14 13.57
CA LYS A 181 -22.76 -31.96 13.30
C LYS A 181 -22.36 -31.85 11.82
N GLU A 182 -23.33 -31.87 10.91
CA GLU A 182 -23.03 -31.86 9.49
C GLU A 182 -22.50 -30.49 9.08
N VAL A 183 -23.08 -29.41 9.63
CA VAL A 183 -22.63 -28.06 9.31
C VAL A 183 -21.20 -27.89 9.82
N THR A 184 -20.90 -28.42 11.01
CA THR A 184 -19.58 -28.31 11.60
C THR A 184 -18.55 -29.03 10.72
N GLY A 185 -18.90 -30.22 10.23
CA GLY A 185 -18.02 -30.97 9.33
C GLY A 185 -17.67 -30.20 8.07
N ALA A 186 -18.70 -29.59 7.46
CA ALA A 186 -18.52 -28.80 6.24
C ALA A 186 -17.63 -27.58 6.50
N TYR A 187 -17.88 -26.88 7.60
CA TYR A 187 -17.14 -25.68 7.96
C TYR A 187 -15.69 -26.00 8.34
N PHE A 188 -15.49 -27.06 9.14
CA PHE A 188 -14.14 -27.42 9.55
C PHE A 188 -13.30 -27.87 8.36
N ALA A 189 -13.94 -28.58 7.42
CA ALA A 189 -13.25 -29.02 6.22
C ALA A 189 -12.70 -27.81 5.47
N GLN A 190 -13.51 -26.76 5.38
CA GLN A 190 -13.12 -25.54 4.70
C GLN A 190 -12.02 -24.84 5.49
N PHE A 191 -12.14 -24.80 6.83
CA PHE A 191 -11.12 -24.19 7.65
C PHE A 191 -9.80 -24.93 7.48
N ARG A 192 -9.83 -26.25 7.55
CA ARG A 192 -8.61 -27.04 7.42
C ARG A 192 -7.93 -26.74 6.07
N LYS A 193 -8.71 -26.72 4.99
CA LYS A 193 -8.20 -26.45 3.64
C LYS A 193 -7.59 -25.04 3.57
N ASP A 194 -8.33 -24.06 4.09
CA ASP A 194 -7.92 -22.68 4.04
C ASP A 194 -6.64 -22.44 4.83
N LEU A 195 -6.61 -22.84 6.11
CA LEU A 195 -5.47 -22.55 6.96
C LEU A 195 -4.25 -23.29 6.43
N ASN A 196 -4.45 -24.50 5.91
CA ASN A 196 -3.33 -25.25 5.35
C ASN A 196 -2.77 -24.51 4.14
N ARG A 197 -3.65 -23.93 3.33
CA ARG A 197 -3.23 -23.16 2.18
C ARG A 197 -2.47 -21.90 2.62
N PHE A 198 -3.00 -21.22 3.65
CA PHE A 198 -2.30 -20.07 4.20
C PHE A 198 -0.90 -20.46 4.65
N LEU A 199 -0.78 -21.57 5.39
CA LEU A 199 0.51 -21.99 5.91
C LEU A 199 1.47 -22.40 4.78
N ASN A 200 0.96 -23.01 3.71
CA ASN A 200 1.85 -23.37 2.61
C ASN A 200 2.44 -22.11 1.98
N ALA A 201 1.59 -21.10 1.76
CA ALA A 201 2.02 -19.86 1.15
C ALA A 201 3.04 -19.13 2.03
N ARG A 202 2.81 -19.12 3.34
CA ARG A 202 3.70 -18.46 4.27
C ARG A 202 5.02 -19.24 4.38
N ALA A 203 4.95 -20.57 4.22
CA ALA A 203 6.15 -21.40 4.27
C ALA A 203 7.10 -21.03 3.12
N GLU A 204 6.54 -20.77 1.94
CA GLU A 204 7.31 -20.29 0.79
C GLU A 204 7.95 -18.92 1.08
N GLU A 205 7.23 -18.04 1.80
CA GLU A 205 7.62 -16.63 1.94
C GLU A 205 8.60 -16.42 3.09
N LEU A 206 8.46 -17.21 4.16
CA LEU A 206 9.31 -17.08 5.33
C LEU A 206 10.62 -17.82 5.08
N VAL A 207 11.74 -17.21 5.48
CA VAL A 207 13.02 -17.90 5.48
C VAL A 207 12.96 -19.00 6.53
N GLY A 208 13.88 -19.97 6.41
CA GLY A 208 14.08 -20.98 7.43
C GLY A 208 14.29 -20.35 8.80
N GLY A 209 13.53 -20.81 9.80
CA GLY A 209 13.62 -20.28 11.15
C GLY A 209 12.75 -19.04 11.38
N GLY A 210 12.10 -18.54 10.33
CA GLY A 210 11.21 -17.39 10.47
C GLY A 210 10.01 -17.73 11.34
N LEU A 211 9.45 -16.71 12.00
CA LEU A 211 8.34 -16.92 12.93
C LEU A 211 7.02 -16.50 12.28
N LEU A 212 5.95 -17.22 12.65
CA LEU A 212 4.59 -16.85 12.32
C LEU A 212 3.82 -16.70 13.62
N VAL A 213 3.33 -15.47 13.82
CA VAL A 213 2.66 -15.05 15.03
C VAL A 213 1.19 -14.86 14.67
N ILE A 214 0.31 -15.52 15.42
CA ILE A 214 -1.11 -15.54 15.13
C ILE A 214 -1.89 -15.27 16.42
N GLN A 215 -2.94 -14.45 16.31
CA GLN A 215 -4.05 -14.49 17.23
C GLN A 215 -5.33 -14.63 16.41
N LEU A 216 -6.29 -15.40 16.92
CA LEU A 216 -7.61 -15.45 16.31
C LEU A 216 -8.67 -15.88 17.33
N PRO A 217 -9.96 -15.62 17.05
CA PRO A 217 -11.04 -16.01 17.95
C PRO A 217 -11.29 -17.51 17.85
N GLY A 218 -11.32 -18.15 19.01
CA GLY A 218 -11.41 -19.60 19.06
C GLY A 218 -12.33 -20.06 20.18
N VAL A 219 -12.18 -21.34 20.51
CA VAL A 219 -13.05 -22.03 21.46
C VAL A 219 -12.18 -22.81 22.43
N PRO A 220 -12.28 -22.54 23.75
CA PRO A 220 -11.53 -23.31 24.73
C PRO A 220 -12.21 -24.65 24.98
N SER A 221 -11.44 -25.54 25.62
CA SER A 221 -11.93 -26.82 26.11
C SER A 221 -13.24 -26.66 26.85
N GLY A 222 -14.24 -27.47 26.48
CA GLY A 222 -15.49 -27.55 27.21
C GLY A 222 -16.51 -26.54 26.71
N ALA A 223 -16.24 -25.89 25.57
CA ALA A 223 -17.15 -24.94 24.99
C ALA A 223 -17.35 -25.22 23.50
N LEU A 224 -18.34 -24.54 22.92
CA LEU A 224 -18.60 -24.53 21.50
C LEU A 224 -18.60 -23.09 21.02
N PRO A 225 -18.51 -22.85 19.69
CA PRO A 225 -18.64 -21.50 19.14
C PRO A 225 -19.81 -20.72 19.74
N PHE A 226 -20.96 -21.39 19.87
CA PHE A 226 -22.22 -20.87 20.38
C PHE A 226 -22.05 -20.04 21.65
N ASN A 227 -21.24 -20.52 22.60
CA ASN A 227 -21.16 -19.89 23.91
C ASN A 227 -19.84 -19.12 24.07
N THR A 228 -19.23 -18.74 22.93
CA THR A 228 -18.21 -17.71 22.90
C THR A 228 -18.85 -16.40 22.46
N GLY A 229 -18.17 -15.29 22.74
CA GLY A 229 -18.70 -13.98 22.39
C GLY A 229 -18.95 -13.87 20.88
N ALA A 230 -17.97 -14.30 20.08
CA ALA A 230 -18.15 -14.25 18.64
C ALA A 230 -19.37 -15.07 18.20
N GLY A 231 -19.52 -16.28 18.73
CA GLY A 231 -20.66 -17.12 18.38
C GLY A 231 -21.99 -16.52 18.86
N PHE A 232 -22.04 -16.05 20.10
CA PHE A 232 -23.33 -15.65 20.65
C PHE A 232 -23.82 -14.35 20.02
N LEU A 233 -22.91 -13.47 19.60
CA LEU A 233 -23.31 -12.30 18.84
C LEU A 233 -23.98 -12.70 17.52
N GLN A 234 -23.57 -13.83 16.93
CA GLN A 234 -24.20 -14.35 15.73
C GLN A 234 -25.53 -15.01 16.08
N GLU A 235 -25.60 -15.68 17.24
CA GLU A 235 -26.85 -16.27 17.73
C GLU A 235 -27.93 -15.21 17.83
N LEU A 236 -27.54 -13.98 18.17
CA LEU A 236 -28.47 -12.87 18.31
C LEU A 236 -28.83 -12.27 16.95
N LEU A 237 -27.93 -12.39 15.96
CA LEU A 237 -28.17 -11.79 14.65
C LEU A 237 -29.20 -12.59 13.86
N GLY A 238 -29.07 -13.93 13.86
CA GLY A 238 -29.98 -14.81 13.12
C GLY A 238 -31.44 -14.48 13.35
N PRO A 239 -31.92 -14.49 14.60
CA PRO A 239 -33.32 -14.14 14.88
C PRO A 239 -33.77 -12.74 14.46
N CYS A 240 -32.86 -11.75 14.48
CA CYS A 240 -33.17 -10.41 13.99
C CYS A 240 -33.46 -10.45 12.50
N LEU A 241 -32.67 -11.24 11.76
CA LEU A 241 -32.91 -11.38 10.33
C LEU A 241 -34.24 -12.11 10.11
N PHE A 242 -34.48 -13.20 10.86
CA PHE A 242 -35.74 -13.93 10.75
C PHE A 242 -36.90 -12.98 11.05
N GLU A 243 -36.73 -12.11 12.04
CA GLU A 243 -37.75 -11.15 12.40
C GLU A 243 -38.02 -10.17 11.26
N MET A 244 -36.97 -9.67 10.61
CA MET A 244 -37.13 -8.76 9.49
C MET A 244 -37.90 -9.43 8.36
N ALA A 245 -37.71 -10.74 8.21
CA ALA A 245 -38.40 -11.51 7.18
C ALA A 245 -39.87 -11.69 7.55
N ASP A 246 -40.15 -11.97 8.82
CA ASP A 246 -41.52 -12.07 9.29
C ASP A 246 -42.26 -10.75 9.07
N LEU A 247 -41.55 -9.62 9.19
CA LEU A 247 -42.12 -8.29 9.08
C LEU A 247 -42.04 -7.77 7.64
N GLY A 248 -41.62 -8.64 6.70
CA GLY A 248 -41.81 -8.40 5.29
C GLY A 248 -40.80 -7.41 4.68
N PHE A 249 -39.63 -7.25 5.32
CA PHE A 249 -38.58 -6.39 4.80
C PHE A 249 -37.58 -7.17 3.95
N ILE A 250 -37.42 -8.46 4.22
CA ILE A 250 -36.58 -9.35 3.41
C ILE A 250 -37.33 -10.65 3.25
N SER A 251 -36.85 -11.53 2.37
CA SER A 251 -37.48 -12.83 2.19
C SER A 251 -36.83 -13.85 3.14
N HIS A 252 -37.63 -14.82 3.56
CA HIS A 252 -37.11 -15.93 4.35
C HIS A 252 -36.05 -16.68 3.55
N GLU A 253 -36.28 -16.85 2.23
CA GLU A 253 -35.32 -17.55 1.38
C GLU A 253 -33.94 -16.90 1.52
N LYS A 254 -33.90 -15.57 1.49
CA LYS A 254 -32.65 -14.84 1.62
C LYS A 254 -32.04 -15.08 3.00
N VAL A 255 -32.87 -15.18 4.05
CA VAL A 255 -32.36 -15.47 5.37
C VAL A 255 -31.73 -16.86 5.37
N TYR A 256 -32.44 -17.85 4.84
CA TYR A 256 -31.98 -19.23 4.84
C TYR A 256 -30.62 -19.36 4.15
N SER A 257 -30.37 -18.55 3.11
CA SER A 257 -29.16 -18.66 2.29
C SER A 257 -27.99 -17.86 2.85
N PHE A 258 -28.22 -17.06 3.90
CA PHE A 258 -27.19 -16.20 4.45
C PHE A 258 -26.25 -17.00 5.35
N ASN A 259 -24.95 -16.96 5.02
CA ASN A 259 -23.92 -17.60 5.82
C ASN A 259 -22.65 -16.76 5.77
N LEU A 260 -21.91 -16.73 6.88
CA LEU A 260 -20.66 -16.01 6.93
C LEU A 260 -19.48 -16.97 6.77
N PRO A 261 -18.42 -16.54 6.05
CA PRO A 261 -17.19 -17.32 5.88
C PRO A 261 -16.24 -17.19 7.06
N MET A 262 -16.62 -17.85 8.17
CA MET A 262 -15.90 -17.74 9.42
C MET A 262 -15.82 -19.12 10.07
N TYR A 263 -14.73 -19.36 10.80
CA TYR A 263 -14.67 -20.52 11.67
C TYR A 263 -13.88 -20.16 12.93
N PHE A 264 -14.38 -20.58 14.10
CA PHE A 264 -13.70 -20.36 15.36
C PHE A 264 -13.15 -21.69 15.85
N PRO A 265 -11.84 -21.96 15.69
CA PRO A 265 -11.30 -23.27 16.06
C PRO A 265 -10.96 -23.46 17.53
N SER A 266 -10.95 -24.74 17.92
CA SER A 266 -10.36 -25.15 19.19
C SER A 266 -8.87 -25.34 19.01
N ILE A 267 -8.15 -25.45 20.13
CA ILE A 267 -6.73 -25.76 20.11
C ILE A 267 -6.50 -27.13 19.46
N GLU A 268 -7.37 -28.11 19.74
CA GLU A 268 -7.23 -29.45 19.16
C GLU A 268 -7.31 -29.35 17.63
N GLU A 269 -8.26 -28.58 17.10
CA GLU A 269 -8.40 -28.37 15.67
C GLU A 269 -7.15 -27.72 15.08
N LEU A 270 -6.65 -26.65 15.72
CA LEU A 270 -5.45 -25.98 15.25
C LEU A 270 -4.28 -26.95 15.18
N ASN A 271 -4.09 -27.75 16.23
CA ASN A 271 -2.95 -28.66 16.29
C ASN A 271 -3.01 -29.67 15.15
N LEU A 272 -4.22 -30.10 14.79
CA LEU A 272 -4.45 -31.08 13.74
C LEU A 272 -4.04 -30.48 12.40
N VAL A 273 -4.47 -29.25 12.14
CA VAL A 273 -4.11 -28.58 10.90
C VAL A 273 -2.60 -28.34 10.86
N ILE A 274 -2.02 -27.86 11.96
CA ILE A 274 -0.60 -27.52 11.97
C ILE A 274 0.23 -28.77 11.71
N LYS A 275 -0.11 -29.86 12.39
CA LYS A 275 0.64 -31.11 12.33
C LYS A 275 0.58 -31.71 10.92
N GLY A 276 -0.60 -31.62 10.28
CA GLY A 276 -0.79 -32.10 8.92
C GLY A 276 0.01 -31.28 7.91
N ASN A 277 0.14 -29.97 8.17
CA ASN A 277 0.82 -29.08 7.25
C ASN A 277 2.33 -29.40 7.19
N GLY A 278 2.96 -29.50 8.37
CA GLY A 278 4.32 -30.01 8.44
C GLY A 278 5.41 -28.96 8.22
N HIS A 279 5.08 -27.73 7.77
CA HIS A 279 6.13 -26.77 7.44
C HIS A 279 6.55 -25.96 8.65
N PHE A 280 5.82 -26.08 9.76
CA PHE A 280 6.09 -25.30 10.95
C PHE A 280 6.12 -26.21 12.18
N THR A 281 6.96 -25.85 13.15
CA THR A 281 6.86 -26.40 14.49
C THR A 281 5.93 -25.49 15.31
N ALA A 282 5.10 -26.12 16.14
CA ALA A 282 4.16 -25.44 17.01
C ALA A 282 4.84 -25.12 18.33
N GLU A 283 5.33 -23.89 18.49
CA GLU A 283 6.16 -23.51 19.62
C GLU A 283 5.31 -23.14 20.83
N LYS A 284 4.11 -22.61 20.59
CA LYS A 284 3.21 -22.27 21.69
C LYS A 284 1.81 -22.06 21.15
N ILE A 285 0.83 -22.64 21.85
CA ILE A 285 -0.57 -22.40 21.59
C ILE A 285 -1.23 -22.19 22.94
N LYS A 286 -1.86 -21.04 23.14
CA LYS A 286 -2.41 -20.73 24.45
C LYS A 286 -3.53 -19.71 24.29
N ILE A 287 -4.38 -19.65 25.31
CA ILE A 287 -5.45 -18.68 25.37
C ILE A 287 -4.95 -17.47 26.18
N LEU A 288 -5.09 -16.27 25.59
CA LEU A 288 -4.70 -15.04 26.23
C LEU A 288 -5.75 -14.59 27.24
N ASN A 289 -5.29 -13.78 28.21
CA ASN A 289 -6.15 -13.06 29.14
C ASN A 289 -6.46 -11.68 28.56
N HIS A 290 -7.68 -11.49 28.06
CA HIS A 290 -8.08 -10.24 27.42
C HIS A 290 -8.21 -9.15 28.47
N PRO A 291 -7.69 -7.91 28.23
CA PRO A 291 -7.80 -6.83 29.22
C PRO A 291 -9.21 -6.32 29.52
N MET A 292 -10.19 -6.69 28.67
CA MET A 292 -11.58 -6.31 28.85
C MET A 292 -12.37 -7.43 29.54
N GLN A 293 -11.66 -8.47 29.99
CA GLN A 293 -12.28 -9.67 30.54
C GLN A 293 -13.29 -9.37 31.65
N GLN A 294 -12.94 -8.43 32.54
CA GLN A 294 -13.73 -8.20 33.75
C GLN A 294 -14.68 -7.02 33.58
N LEU A 295 -14.77 -6.45 32.37
CA LEU A 295 -15.67 -5.33 32.11
C LEU A 295 -17.07 -5.86 31.80
N LEU A 296 -18.09 -5.12 32.24
CA LEU A 296 -19.46 -5.42 31.87
C LEU A 296 -19.63 -5.26 30.37
N PHE A 297 -20.51 -6.06 29.80
CA PHE A 297 -20.91 -5.95 28.40
C PHE A 297 -21.43 -4.55 28.12
N ASP A 298 -20.98 -3.98 27.00
CA ASP A 298 -21.42 -2.69 26.53
C ASP A 298 -22.11 -2.89 25.19
N ALA A 299 -23.46 -2.84 25.22
CA ALA A 299 -24.28 -3.20 24.08
C ALA A 299 -24.08 -2.20 22.94
N LYS A 300 -24.07 -0.90 23.27
CA LYS A 300 -23.91 0.16 22.28
C LYS A 300 -22.59 -0.01 21.53
N MET A 301 -21.50 -0.24 22.28
CA MET A 301 -20.17 -0.28 21.69
C MET A 301 -20.02 -1.57 20.90
N THR A 302 -20.51 -2.68 21.44
CA THR A 302 -20.47 -3.95 20.75
C THR A 302 -21.30 -3.87 19.46
N CYS A 303 -22.43 -3.15 19.50
CA CYS A 303 -23.26 -3.01 18.30
C CYS A 303 -22.45 -2.35 17.18
N LEU A 304 -21.72 -1.28 17.52
CA LEU A 304 -20.93 -0.56 16.53
C LEU A 304 -19.76 -1.40 16.05
N GLN A 305 -19.08 -2.11 16.97
CA GLN A 305 -18.02 -3.05 16.60
C GLN A 305 -18.57 -4.01 15.55
N PHE A 306 -19.68 -4.65 15.89
CA PHE A 306 -20.27 -5.70 15.09
C PHE A 306 -20.69 -5.14 13.73
N ARG A 307 -21.31 -3.96 13.73
CA ARG A 307 -21.66 -3.31 12.48
C ARG A 307 -20.42 -3.05 11.63
N SER A 308 -19.32 -2.60 12.23
CA SER A 308 -18.15 -2.18 11.45
C SER A 308 -17.56 -3.37 10.68
N ILE A 309 -17.88 -4.58 11.14
CA ILE A 309 -17.33 -5.80 10.56
C ILE A 309 -18.30 -6.39 9.54
N PHE A 310 -19.59 -6.46 9.91
CA PHE A 310 -20.54 -7.31 9.20
C PHE A 310 -21.48 -6.51 8.30
N GLU A 311 -21.37 -5.19 8.33
CA GLU A 311 -22.28 -4.35 7.56
C GLU A 311 -22.22 -4.71 6.08
N GLY A 312 -21.00 -4.87 5.55
CA GLY A 312 -20.79 -5.19 4.15
C GLY A 312 -21.47 -6.50 3.75
N PHE A 313 -21.26 -7.55 4.56
CA PHE A 313 -21.81 -8.87 4.28
C PHE A 313 -23.33 -8.80 4.18
N ILE A 314 -23.95 -8.03 5.08
CA ILE A 314 -25.40 -7.96 5.17
C ILE A 314 -25.96 -7.20 3.96
N LYS A 315 -25.34 -6.06 3.65
CA LYS A 315 -25.69 -5.22 2.50
C LYS A 315 -25.68 -6.02 1.21
N ASP A 316 -24.56 -6.74 0.99
CA ASP A 316 -24.34 -7.49 -0.23
C ASP A 316 -25.41 -8.58 -0.38
N HIS A 317 -25.62 -9.37 0.67
CA HIS A 317 -26.53 -10.50 0.59
C HIS A 317 -27.98 -10.04 0.49
N PHE A 318 -28.40 -9.09 1.33
CA PHE A 318 -29.81 -8.73 1.44
C PHE A 318 -30.18 -7.54 0.57
N GLU A 319 -29.20 -6.71 0.20
CA GLU A 319 -29.42 -5.56 -0.67
C GLU A 319 -30.33 -4.55 0.05
N VAL A 323 -30.64 -1.31 6.84
CA VAL A 323 -29.47 -1.62 7.71
C VAL A 323 -29.61 -0.87 9.03
N ASP A 324 -29.97 0.42 8.99
CA ASP A 324 -30.11 1.20 10.20
C ASP A 324 -31.14 0.54 11.13
N GLN A 325 -32.30 0.15 10.58
CA GLN A 325 -33.40 -0.43 11.35
C GLN A 325 -33.01 -1.81 11.89
N LEU A 326 -32.35 -2.63 11.06
CA LEU A 326 -31.81 -3.92 11.49
C LEU A 326 -30.89 -3.73 12.70
N PHE A 327 -30.00 -2.74 12.66
CA PHE A 327 -29.01 -2.57 13.72
C PHE A 327 -29.63 -1.91 14.95
N ASP A 328 -30.76 -1.21 14.77
CA ASP A 328 -31.55 -0.73 15.90
C ASP A 328 -32.15 -1.93 16.63
N LEU A 329 -32.73 -2.87 15.88
CA LEU A 329 -33.27 -4.10 16.45
C LEU A 329 -32.16 -4.89 17.13
N TYR A 330 -30.99 -4.96 16.46
CA TYR A 330 -29.87 -5.73 16.98
C TYR A 330 -29.40 -5.12 18.31
N ALA A 331 -29.24 -3.79 18.34
CA ALA A 331 -28.84 -3.08 19.55
C ALA A 331 -29.77 -3.42 20.71
N LYS A 332 -31.07 -3.51 20.42
CA LYS A 332 -32.06 -3.84 21.43
C LYS A 332 -31.78 -5.24 21.98
N LYS A 333 -31.48 -6.20 21.10
CA LYS A 333 -31.21 -7.57 21.51
C LYS A 333 -29.94 -7.65 22.36
N LEU A 334 -28.89 -6.92 21.97
CA LEU A 334 -27.66 -6.91 22.74
C LEU A 334 -27.91 -6.40 24.17
N GLU A 335 -28.62 -5.27 24.26
CA GLU A 335 -28.91 -4.64 25.54
C GLU A 335 -29.63 -5.67 26.42
N GLU A 336 -30.65 -6.31 25.85
CA GLU A 336 -31.48 -7.29 26.53
C GLU A 336 -30.63 -8.47 27.05
N SER A 337 -29.53 -8.78 26.35
CA SER A 337 -28.75 -9.97 26.61
C SER A 337 -27.51 -9.65 27.46
N CYS A 338 -27.48 -8.46 28.08
CA CYS A 338 -26.33 -7.98 28.83
C CYS A 338 -25.81 -9.05 29.79
N SER A 339 -26.72 -9.59 30.62
CA SER A 339 -26.36 -10.48 31.70
C SER A 339 -25.87 -11.83 31.17
N ILE A 340 -26.36 -12.24 29.98
CA ILE A 340 -25.87 -13.45 29.35
C ILE A 340 -24.37 -13.29 29.03
N PHE A 341 -24.00 -12.18 28.39
CA PHE A 341 -22.59 -11.88 28.08
C PHE A 341 -21.77 -11.79 29.35
N ASP A 342 -22.37 -11.27 30.43
CA ASP A 342 -21.64 -11.02 31.66
C ASP A 342 -21.42 -12.30 32.47
N GLN A 343 -22.30 -13.31 32.29
CA GLN A 343 -22.36 -14.45 33.21
C GLN A 343 -22.33 -15.81 32.52
N GLU A 344 -22.69 -15.93 31.23
CA GLU A 344 -22.87 -17.23 30.59
C GLU A 344 -21.99 -17.45 29.37
N ILE A 345 -21.10 -16.49 29.05
CA ILE A 345 -20.32 -16.54 27.83
C ILE A 345 -18.85 -16.70 28.20
N ARG A 346 -18.18 -17.65 27.53
CA ARG A 346 -16.76 -17.89 27.73
C ARG A 346 -15.96 -16.70 27.22
N LYS A 347 -15.01 -16.22 28.04
CA LYS A 347 -14.17 -15.08 27.70
C LYS A 347 -12.74 -15.51 27.41
N ASP A 348 -12.43 -16.79 27.64
CA ASP A 348 -11.13 -17.37 27.37
C ASP A 348 -11.13 -17.86 25.93
N VAL A 349 -11.09 -16.93 24.98
CA VAL A 349 -11.39 -17.25 23.59
C VAL A 349 -10.38 -16.64 22.62
N ASP A 350 -9.37 -15.90 23.10
CA ASP A 350 -8.41 -15.29 22.18
C ASP A 350 -7.19 -16.20 22.10
N LEU A 351 -7.13 -17.00 21.03
CA LEU A 351 -6.06 -17.97 20.85
C LEU A 351 -4.82 -17.30 20.27
N PHE A 352 -3.69 -17.55 20.93
CA PHE A 352 -2.37 -17.12 20.49
C PHE A 352 -1.60 -18.34 20.00
N VAL A 353 -1.02 -18.22 18.80
CA VAL A 353 -0.27 -19.32 18.18
C VAL A 353 1.09 -18.81 17.74
N LEU A 354 2.15 -19.50 18.13
CA LEU A 354 3.49 -19.23 17.64
C LEU A 354 4.01 -20.44 16.87
N LEU A 355 4.34 -20.18 15.59
CA LEU A 355 4.91 -21.18 14.69
C LEU A 355 6.28 -20.74 14.21
N LYS A 356 7.14 -21.75 13.95
CA LYS A 356 8.47 -21.53 13.44
C LYS A 356 8.67 -22.36 12.19
N ARG A 357 9.00 -21.69 11.08
CA ARG A 357 9.26 -22.35 9.80
C ARG A 357 10.47 -23.26 9.94
N VAL A 358 10.30 -24.54 9.59
CA VAL A 358 11.37 -25.52 9.68
C VAL A 358 12.43 -25.23 8.63
N LEU A 359 13.68 -25.58 8.95
CA LEU A 359 14.78 -25.51 8.00
C LEU A 359 14.62 -26.61 6.96
N GLU A 360 14.55 -26.23 5.67
CA GLU A 360 14.45 -27.19 4.57
C GLU A 360 15.86 -27.61 4.14
N SER B 27 -3.94 11.41 -18.93
CA SER B 27 -2.56 10.85 -18.82
C SER B 27 -2.05 10.27 -20.13
N SER B 28 -2.70 10.61 -21.27
CA SER B 28 -2.37 10.00 -22.55
C SER B 28 -1.03 10.51 -23.08
N TYR B 29 -0.69 11.78 -22.77
CA TYR B 29 0.58 12.33 -23.22
C TYR B 29 1.70 11.60 -22.48
N GLN B 30 1.51 11.39 -21.17
CA GLN B 30 2.47 10.70 -20.34
C GLN B 30 2.59 9.24 -20.77
N LYS B 31 1.49 8.67 -21.24
CA LYS B 31 1.49 7.33 -21.82
C LYS B 31 2.46 7.29 -23.00
N GLY B 32 2.36 8.29 -23.88
CA GLY B 32 3.20 8.40 -25.07
C GLY B 32 4.69 8.48 -24.73
N VAL B 33 5.02 9.22 -23.66
CA VAL B 33 6.40 9.36 -23.23
C VAL B 33 6.97 7.97 -22.89
N ILE B 34 6.16 7.16 -22.18
CA ILE B 34 6.57 5.82 -21.78
C ILE B 34 6.71 4.95 -23.02
N GLU B 35 5.78 5.06 -23.96
CA GLU B 35 5.77 4.25 -25.18
C GLU B 35 6.95 4.62 -26.07
N ALA B 36 7.28 5.91 -26.12
CA ALA B 36 8.44 6.41 -26.85
C ALA B 36 9.72 5.94 -26.18
N ALA B 37 9.70 5.83 -24.85
CA ALA B 37 10.90 5.52 -24.07
C ALA B 37 11.16 4.03 -24.00
N LYS B 38 10.20 3.21 -24.44
CA LYS B 38 10.27 1.77 -24.25
C LYS B 38 11.54 1.23 -24.89
N ALA B 39 11.80 1.61 -26.14
CA ALA B 39 12.96 1.11 -26.86
C ALA B 39 14.23 1.43 -26.08
N GLU B 40 14.27 2.64 -25.48
CA GLU B 40 15.42 3.11 -24.72
C GLU B 40 15.58 2.33 -23.44
N VAL B 41 14.45 2.06 -22.77
CA VAL B 41 14.46 1.29 -21.54
C VAL B 41 14.98 -0.12 -21.84
N LEU B 42 14.41 -0.76 -22.86
CA LEU B 42 14.82 -2.09 -23.30
C LEU B 42 16.32 -2.09 -23.63
N LEU B 43 16.76 -1.09 -24.40
CA LEU B 43 18.17 -0.95 -24.75
C LEU B 43 19.02 -0.71 -23.49
N ALA B 44 18.53 0.12 -22.56
CA ALA B 44 19.31 0.47 -21.38
C ALA B 44 19.57 -0.76 -20.53
N ILE B 45 18.56 -1.63 -20.40
CA ILE B 45 18.64 -2.80 -19.56
C ILE B 45 19.51 -3.87 -20.24
N LYS B 46 19.39 -3.99 -21.58
CA LYS B 46 20.19 -4.92 -22.35
C LYS B 46 21.67 -4.58 -22.25
N GLU B 47 22.01 -3.28 -22.34
CA GLU B 47 23.40 -2.87 -22.41
C GLU B 47 24.01 -2.66 -21.01
N LYS B 48 23.23 -2.16 -20.03
CA LYS B 48 23.85 -1.58 -18.84
C LYS B 48 23.53 -2.34 -17.55
N LEU B 49 22.60 -3.30 -17.55
CA LEU B 49 22.26 -4.02 -16.34
C LEU B 49 23.13 -5.26 -16.22
N ASP B 50 24.05 -5.26 -15.23
CA ASP B 50 25.03 -6.33 -15.11
C ASP B 50 25.49 -6.39 -13.66
N PHE B 51 25.05 -7.41 -12.93
CA PHE B 51 25.45 -7.60 -11.55
C PHE B 51 26.55 -8.67 -11.43
N LYS B 52 27.12 -9.08 -12.58
CA LYS B 52 28.29 -9.94 -12.62
C LYS B 52 28.03 -11.25 -11.88
N THR B 53 28.69 -11.45 -10.73
CA THR B 53 28.56 -12.67 -9.94
C THR B 53 27.49 -12.51 -8.85
N ASP B 54 26.78 -11.38 -8.82
CA ASP B 54 25.97 -11.02 -7.66
C ASP B 54 24.52 -10.73 -8.06
N TRP B 55 23.96 -11.51 -9.01
CA TRP B 55 22.58 -11.30 -9.43
C TRP B 55 21.63 -11.75 -8.33
N PRO B 56 20.52 -11.02 -8.11
CA PRO B 56 19.54 -11.41 -7.09
C PRO B 56 18.59 -12.50 -7.57
N ARG B 57 18.05 -13.27 -6.61
CA ARG B 57 16.96 -14.19 -6.87
C ARG B 57 15.66 -13.42 -6.97
N THR B 58 15.51 -12.40 -6.11
CA THR B 58 14.37 -11.50 -6.17
C THR B 58 14.82 -10.18 -6.77
N PHE B 59 14.30 -9.85 -7.96
CA PHE B 59 14.66 -8.61 -8.61
C PHE B 59 13.63 -7.55 -8.22
N VAL B 60 14.10 -6.42 -7.66
CA VAL B 60 13.25 -5.43 -7.00
C VAL B 60 13.26 -4.11 -7.78
N ILE B 61 12.06 -3.61 -8.12
CA ILE B 61 11.88 -2.43 -8.95
C ILE B 61 11.02 -1.45 -8.17
N ALA B 62 11.34 -0.15 -8.23
CA ALA B 62 10.50 0.85 -7.61
C ALA B 62 10.16 1.95 -8.61
N ASP B 63 8.88 2.38 -8.61
CA ASP B 63 8.41 3.50 -9.42
C ASP B 63 8.13 4.68 -8.49
N TYR B 64 8.80 5.83 -8.73
CA TYR B 64 8.67 7.00 -7.89
C TYR B 64 7.77 8.02 -8.57
N GLY B 65 6.57 8.22 -7.99
CA GLY B 65 5.54 9.07 -8.56
C GLY B 65 4.66 8.31 -9.54
N CYS B 66 4.10 7.19 -9.06
CA CYS B 66 3.38 6.23 -9.90
C CYS B 66 1.97 6.67 -10.26
N SER B 67 1.37 7.56 -9.48
CA SER B 67 -0.02 7.98 -9.67
C SER B 67 -0.94 6.75 -9.55
N THR B 68 -2.00 6.68 -10.36
CA THR B 68 -3.09 5.75 -10.09
C THR B 68 -3.27 4.71 -11.21
N GLY B 69 -2.39 4.74 -12.21
CA GLY B 69 -2.51 3.84 -13.35
C GLY B 69 -3.42 4.44 -14.42
N PRO B 70 -3.44 3.92 -15.67
CA PRO B 70 -2.67 2.72 -16.05
C PRO B 70 -1.19 2.89 -16.37
N ASN B 71 -0.70 4.13 -16.49
CA ASN B 71 0.62 4.39 -17.06
C ASN B 71 1.72 3.65 -16.29
N THR B 72 1.69 3.70 -14.96
CA THR B 72 2.69 3.00 -14.17
C THR B 72 2.73 1.50 -14.51
N PHE B 73 1.59 0.88 -14.83
CA PHE B 73 1.56 -0.54 -15.12
C PHE B 73 2.26 -0.87 -16.44
N PHE B 74 2.04 -0.04 -17.47
CA PHE B 74 2.74 -0.17 -18.74
C PHE B 74 4.25 -0.03 -18.53
N ALA B 75 4.65 0.99 -17.76
CA ALA B 75 6.06 1.26 -17.53
C ALA B 75 6.72 0.09 -16.80
N MET B 76 6.06 -0.44 -15.77
CA MET B 76 6.63 -1.51 -14.98
C MET B 76 6.67 -2.79 -15.82
N GLN B 77 5.64 -2.99 -16.65
CA GLN B 77 5.53 -4.14 -17.54
C GLN B 77 6.72 -4.16 -18.50
N ASN B 78 7.02 -3.01 -19.11
CA ASN B 78 8.12 -2.89 -20.06
C ASN B 78 9.45 -3.23 -19.38
N ILE B 79 9.64 -2.70 -18.16
CA ILE B 79 10.84 -2.98 -17.38
C ILE B 79 10.93 -4.47 -17.04
N VAL B 80 9.85 -5.09 -16.54
CA VAL B 80 9.90 -6.50 -16.18
C VAL B 80 10.24 -7.32 -17.43
N GLU B 81 9.67 -6.94 -18.59
CA GLU B 81 9.89 -7.70 -19.80
C GLU B 81 11.37 -7.65 -20.19
N ALA B 82 11.95 -6.46 -20.05
CA ALA B 82 13.33 -6.23 -20.41
C ALA B 82 14.25 -7.02 -19.47
N VAL B 83 13.89 -7.03 -18.17
CA VAL B 83 14.72 -7.77 -17.23
C VAL B 83 14.57 -9.28 -17.48
N GLU B 84 13.37 -9.74 -17.87
CA GLU B 84 13.15 -11.16 -18.19
C GLU B 84 14.08 -11.59 -19.33
N LEU B 85 14.14 -10.77 -20.39
CA LEU B 85 15.04 -11.01 -21.51
C LEU B 85 16.48 -11.12 -21.00
N LYS B 86 16.87 -10.19 -20.12
CA LYS B 86 18.21 -10.19 -19.56
C LYS B 86 18.45 -11.51 -18.82
N ASN B 87 17.44 -11.93 -18.05
CA ASN B 87 17.49 -13.15 -17.26
C ASN B 87 17.75 -14.35 -18.17
N LYS B 88 17.01 -14.44 -19.28
CA LYS B 88 17.10 -15.55 -20.20
C LYS B 88 18.45 -15.54 -20.93
N SER B 89 19.11 -14.38 -20.97
CA SER B 89 20.35 -14.23 -21.71
C SER B 89 21.53 -14.83 -20.95
N LEU B 90 21.37 -15.10 -19.65
CA LEU B 90 22.48 -15.58 -18.82
C LEU B 90 22.52 -17.11 -18.82
N GLN B 91 23.73 -17.66 -18.62
CA GLN B 91 24.00 -19.10 -18.62
C GLN B 91 23.05 -19.81 -17.65
N LYS B 92 23.02 -19.28 -16.42
CA LYS B 92 22.24 -19.83 -15.33
C LYS B 92 21.32 -18.71 -14.88
N PRO B 93 20.09 -18.63 -15.43
CA PRO B 93 19.17 -17.52 -15.15
C PRO B 93 18.91 -17.34 -13.64
N PRO B 94 19.43 -16.25 -13.05
CA PRO B 94 19.42 -16.10 -11.59
C PRO B 94 18.08 -15.70 -10.97
N ILE B 95 17.19 -15.05 -11.74
CA ILE B 95 16.03 -14.39 -11.17
C ILE B 95 14.89 -15.40 -11.02
N VAL B 96 14.36 -15.51 -9.79
CA VAL B 96 13.25 -16.38 -9.45
C VAL B 96 11.94 -15.58 -9.46
N ASP B 97 11.95 -14.38 -8.88
CA ASP B 97 10.76 -13.55 -8.89
C ASP B 97 11.11 -12.06 -8.91
N PHE B 98 10.05 -11.28 -9.17
CA PHE B 98 10.09 -9.83 -9.24
C PHE B 98 9.25 -9.26 -8.12
N HIS B 99 9.73 -8.15 -7.55
CA HIS B 99 8.98 -7.39 -6.56
C HIS B 99 8.92 -5.94 -7.04
N VAL B 100 7.71 -5.43 -7.30
CA VAL B 100 7.55 -4.08 -7.82
C VAL B 100 6.87 -3.21 -6.78
N PHE B 101 7.47 -2.03 -6.51
CA PHE B 101 6.96 -1.10 -5.51
C PHE B 101 6.49 0.19 -6.19
N PHE B 102 5.24 0.59 -5.91
CA PHE B 102 4.61 1.78 -6.43
C PHE B 102 4.59 2.91 -5.39
N ASN B 103 5.37 3.99 -5.61
CA ASN B 103 5.49 5.08 -4.65
C ASN B 103 4.75 6.32 -5.15
N ASP B 104 3.97 6.94 -4.28
CA ASP B 104 3.47 8.28 -4.52
C ASP B 104 3.23 8.94 -3.17
N LEU B 105 2.80 10.20 -3.20
CA LEU B 105 2.47 10.94 -1.98
C LEU B 105 1.26 10.28 -1.31
N VAL B 106 1.18 10.49 0.01
CA VAL B 106 0.25 9.77 0.88
C VAL B 106 -1.20 10.00 0.44
N ASP B 107 -1.48 11.11 -0.26
CA ASP B 107 -2.85 11.43 -0.66
C ASP B 107 -3.21 10.87 -2.04
N ASN B 108 -2.26 10.22 -2.73
CA ASN B 108 -2.54 9.50 -3.96
C ASN B 108 -3.64 8.46 -3.70
N ASP B 109 -4.47 8.20 -4.72
CA ASP B 109 -5.54 7.23 -4.62
C ASP B 109 -5.00 5.82 -4.88
N PHE B 110 -4.36 5.25 -3.87
CA PHE B 110 -3.82 3.91 -3.90
C PHE B 110 -4.92 2.86 -4.01
N ASN B 111 -6.12 3.16 -3.51
CA ASN B 111 -7.25 2.24 -3.65
C ASN B 111 -7.45 1.93 -5.13
N THR B 112 -7.51 2.98 -5.94
CA THR B 112 -7.79 2.85 -7.36
C THR B 112 -6.64 2.12 -8.05
N LEU B 113 -5.40 2.51 -7.72
CA LEU B 113 -4.22 1.83 -8.25
C LEU B 113 -4.34 0.33 -8.01
N PHE B 114 -4.63 -0.06 -6.76
CA PHE B 114 -4.63 -1.47 -6.40
C PHE B 114 -5.73 -2.21 -7.15
N LYS B 115 -6.91 -1.60 -7.23
CA LYS B 115 -8.03 -2.23 -7.93
C LYS B 115 -7.75 -2.32 -9.43
N SER B 116 -6.80 -1.53 -9.93
CA SER B 116 -6.47 -1.51 -11.35
C SER B 116 -5.29 -2.42 -11.71
N LEU B 117 -4.62 -3.02 -10.72
CA LEU B 117 -3.47 -3.90 -10.98
C LEU B 117 -3.83 -4.91 -12.06
N PRO B 118 -2.98 -5.10 -13.10
CA PRO B 118 -3.23 -6.17 -14.08
C PRO B 118 -3.30 -7.54 -13.44
N SER B 119 -4.38 -8.27 -13.75
CA SER B 119 -4.61 -9.61 -13.25
C SER B 119 -3.47 -10.53 -13.67
N ALA B 120 -3.13 -10.48 -14.96
CA ALA B 120 -2.00 -11.23 -15.48
C ALA B 120 -0.75 -10.36 -15.39
N ARG B 121 0.08 -10.63 -14.36
CA ARG B 121 1.38 -10.00 -14.24
C ARG B 121 2.36 -11.00 -13.65
N ASN B 122 3.65 -10.71 -13.79
CA ASN B 122 4.68 -11.62 -13.32
C ASN B 122 5.47 -11.02 -12.17
N TYR B 123 4.83 -10.18 -11.34
CA TYR B 123 5.53 -9.57 -10.22
C TYR B 123 4.59 -9.52 -9.02
N PHE B 124 5.18 -9.63 -7.82
CA PHE B 124 4.50 -9.29 -6.58
C PHE B 124 4.47 -7.77 -6.49
N ALA B 125 3.38 -7.22 -5.93
CA ALA B 125 3.19 -5.78 -5.97
C ALA B 125 3.03 -5.23 -4.54
N ALA B 126 3.50 -4.00 -4.35
CA ALA B 126 3.35 -3.27 -3.11
C ALA B 126 3.32 -1.78 -3.43
N ALA B 127 2.67 -0.99 -2.56
CA ALA B 127 2.66 0.46 -2.69
C ALA B 127 3.26 1.10 -1.44
N VAL B 128 3.89 2.26 -1.65
CA VAL B 128 4.72 2.92 -0.65
C VAL B 128 4.32 4.40 -0.65
N PRO B 129 3.75 4.91 0.48
CA PRO B 129 3.38 6.32 0.58
C PRO B 129 4.55 7.17 1.04
N GLY B 130 4.66 8.39 0.51
CA GLY B 130 5.67 9.34 0.96
C GLY B 130 6.32 10.13 -0.17
N SER B 131 6.93 11.25 0.20
CA SER B 131 7.68 12.06 -0.76
C SER B 131 8.95 11.34 -1.20
N PHE B 132 9.26 11.40 -2.48
CA PHE B 132 10.47 10.76 -2.96
C PHE B 132 11.71 11.62 -2.73
N TYR B 133 11.58 12.75 -2.01
CA TYR B 133 12.73 13.51 -1.56
C TYR B 133 13.22 12.99 -0.20
N GLU B 134 12.61 11.91 0.30
CA GLU B 134 13.07 11.24 1.51
C GLU B 134 13.43 9.81 1.16
N ARG B 135 14.07 9.12 2.12
CA ARG B 135 14.24 7.69 2.03
C ARG B 135 12.87 7.02 2.08
N LEU B 136 12.67 6.02 1.21
CA LEU B 136 11.42 5.28 1.16
C LEU B 136 11.64 3.78 1.28
N PHE B 137 12.87 3.31 1.05
CA PHE B 137 13.16 1.87 1.03
C PHE B 137 14.40 1.57 1.87
N PRO B 138 14.57 0.31 2.32
CA PRO B 138 15.78 -0.10 3.03
C PRO B 138 17.03 0.07 2.17
N LYS B 139 18.18 0.12 2.84
CA LYS B 139 19.49 0.21 2.21
C LYS B 139 19.74 -0.98 1.30
N ALA B 140 20.18 -0.68 0.06
CA ALA B 140 20.65 -1.66 -0.91
C ALA B 140 19.62 -2.77 -1.07
N SER B 141 18.36 -2.36 -1.34
CA SER B 141 17.25 -3.27 -1.52
C SER B 141 16.71 -3.23 -2.95
N LEU B 142 17.16 -2.26 -3.77
CA LEU B 142 16.58 -2.05 -5.09
C LEU B 142 17.60 -2.41 -6.16
N HIS B 143 17.11 -2.97 -7.27
CA HIS B 143 17.92 -3.25 -8.45
C HIS B 143 17.65 -2.25 -9.56
N LEU B 144 16.42 -1.74 -9.67
CA LEU B 144 16.13 -0.72 -10.68
C LEU B 144 15.07 0.24 -10.13
N ALA B 145 15.37 1.53 -10.30
CA ALA B 145 14.51 2.63 -9.86
C ALA B 145 14.03 3.40 -11.09
N ASN B 146 12.75 3.79 -11.08
CA ASN B 146 12.15 4.49 -12.21
C ASN B 146 11.36 5.70 -11.70
N SER B 147 11.39 6.76 -12.50
CA SER B 147 10.53 7.92 -12.29
C SER B 147 10.21 8.56 -13.64
N SER B 148 8.91 8.59 -13.97
CA SER B 148 8.41 9.12 -15.24
C SER B 148 7.49 10.29 -14.95
N TYR B 149 7.88 11.49 -15.41
CA TYR B 149 7.04 12.68 -15.38
C TYR B 149 6.66 13.06 -13.96
N ALA B 150 7.65 13.03 -13.06
CA ALA B 150 7.41 13.42 -11.68
C ALA B 150 8.44 14.44 -11.19
N LEU B 151 9.70 14.36 -11.65
CA LEU B 151 10.80 15.05 -10.97
C LEU B 151 10.89 16.54 -11.36
N HIS B 152 9.97 17.01 -12.20
CA HIS B 152 9.84 18.45 -12.45
C HIS B 152 9.07 19.11 -11.30
N TRP B 153 8.44 18.30 -10.43
CA TRP B 153 7.75 18.83 -9.27
C TRP B 153 8.75 19.03 -8.13
N LEU B 154 9.04 20.30 -7.81
CA LEU B 154 9.95 20.64 -6.74
C LEU B 154 9.31 20.27 -5.40
N SER B 155 10.11 20.27 -4.32
CA SER B 155 9.58 20.01 -2.98
C SER B 155 8.80 21.22 -2.48
N LYS B 156 9.10 22.40 -3.06
CA LYS B 156 8.43 23.63 -2.72
C LYS B 156 8.83 24.72 -3.73
N VAL B 157 8.14 25.86 -3.64
CA VAL B 157 8.59 27.09 -4.26
C VAL B 157 9.87 27.54 -3.56
N PRO B 158 10.94 27.95 -4.29
CA PRO B 158 12.12 28.51 -3.66
C PRO B 158 11.74 29.77 -2.87
N GLU B 159 12.31 29.91 -1.67
CA GLU B 159 11.96 31.02 -0.78
C GLU B 159 12.28 32.36 -1.44
N GLU B 160 13.37 32.42 -2.23
CA GLU B 160 13.91 33.68 -2.71
C GLU B 160 12.96 34.37 -3.70
N VAL B 161 12.14 33.60 -4.44
CA VAL B 161 11.30 34.22 -5.45
C VAL B 161 10.04 34.79 -4.80
N ARG B 162 9.85 34.51 -3.50
CA ARG B 162 8.71 35.00 -2.74
C ARG B 162 9.10 36.29 -1.99
N ASP B 163 10.40 36.57 -1.90
CA ASP B 163 10.92 37.68 -1.12
C ASP B 163 10.84 38.95 -1.96
N GLN B 164 9.93 39.85 -1.55
CA GLN B 164 9.69 41.11 -2.24
C GLN B 164 10.98 41.91 -2.39
N ASN B 165 11.97 41.66 -1.52
CA ASN B 165 13.21 42.45 -1.52
C ASN B 165 14.37 41.73 -2.20
N SER B 166 14.12 40.54 -2.78
CA SER B 166 15.17 39.82 -3.49
C SER B 166 15.18 40.23 -4.95
N LEU B 167 16.38 40.27 -5.54
CA LEU B 167 16.58 40.35 -6.98
C LEU B 167 15.89 39.19 -7.69
N ALA B 168 15.58 38.12 -6.95
CA ALA B 168 14.97 36.92 -7.50
C ALA B 168 13.45 36.96 -7.37
N TRP B 169 12.87 38.10 -6.95
CA TRP B 169 11.44 38.20 -6.72
C TRP B 169 10.70 37.97 -8.04
N ASN B 170 9.91 36.89 -8.10
CA ASN B 170 9.37 36.44 -9.38
C ASN B 170 7.97 37.01 -9.57
N LYS B 171 7.87 38.34 -9.61
CA LYS B 171 6.59 39.03 -9.50
C LYS B 171 5.79 38.99 -10.81
N SER B 172 6.47 38.83 -11.95
CA SER B 172 5.83 39.04 -13.25
C SER B 172 5.29 37.74 -13.86
N ARG B 173 5.62 36.58 -13.29
CA ARG B 173 5.30 35.31 -13.90
C ARG B 173 4.97 34.25 -12.85
N THR B 174 4.37 33.14 -13.29
CA THR B 174 3.97 32.07 -12.40
C THR B 174 5.06 31.01 -12.23
N TYR B 175 6.18 31.14 -12.96
CA TYR B 175 7.13 30.05 -13.06
C TYR B 175 8.49 30.63 -13.46
N CYS B 176 9.46 29.75 -13.69
CA CYS B 176 10.75 30.18 -14.20
C CYS B 176 10.76 30.16 -15.72
N SER B 177 10.62 31.35 -16.33
CA SER B 177 10.66 31.50 -17.78
C SER B 177 12.05 31.17 -18.30
N GLY B 178 13.06 31.44 -17.47
CA GLY B 178 14.45 31.31 -17.87
C GLY B 178 15.02 32.62 -18.39
N THR B 179 14.19 33.66 -18.50
CA THR B 179 14.65 34.93 -19.06
C THR B 179 15.29 35.81 -17.99
N ASN B 180 15.01 35.51 -16.71
CA ASN B 180 15.47 36.33 -15.61
C ASN B 180 16.54 35.57 -14.83
N LYS B 181 17.76 36.13 -14.84
CA LYS B 181 18.94 35.43 -14.36
C LYS B 181 18.82 35.07 -12.88
N GLU B 182 18.30 36.00 -12.07
CA GLU B 182 18.25 35.80 -10.63
C GLU B 182 17.12 34.84 -10.27
N VAL B 183 15.98 34.94 -10.94
CA VAL B 183 14.86 34.03 -10.74
C VAL B 183 15.33 32.63 -11.08
N THR B 184 16.00 32.50 -12.22
CA THR B 184 16.53 31.22 -12.70
C THR B 184 17.53 30.66 -11.68
N GLY B 185 18.37 31.52 -11.08
CA GLY B 185 19.29 31.11 -10.04
C GLY B 185 18.61 30.42 -8.86
N ALA B 186 17.53 31.05 -8.37
CA ALA B 186 16.78 30.58 -7.21
C ALA B 186 16.06 29.27 -7.52
N TYR B 187 15.36 29.22 -8.66
CA TYR B 187 14.67 28.02 -9.11
C TYR B 187 15.66 26.88 -9.33
N PHE B 188 16.79 27.15 -9.99
CA PHE B 188 17.75 26.07 -10.24
C PHE B 188 18.38 25.59 -8.93
N ALA B 189 18.63 26.52 -8.01
CA ALA B 189 19.14 26.17 -6.70
C ALA B 189 18.21 25.17 -6.02
N GLN B 190 16.89 25.42 -6.13
CA GLN B 190 15.89 24.53 -5.54
C GLN B 190 15.89 23.20 -6.26
N PHE B 191 15.89 23.24 -7.62
CA PHE B 191 15.84 22.02 -8.41
C PHE B 191 17.06 21.13 -8.10
N ARG B 192 18.21 21.77 -7.95
CA ARG B 192 19.44 21.06 -7.65
C ARG B 192 19.35 20.41 -6.26
N LYS B 193 18.89 21.19 -5.27
CA LYS B 193 18.74 20.69 -3.91
C LYS B 193 17.82 19.47 -3.89
N ASP B 194 16.66 19.60 -4.53
CA ASP B 194 15.63 18.56 -4.57
C ASP B 194 16.14 17.31 -5.29
N LEU B 195 16.67 17.48 -6.51
CA LEU B 195 17.12 16.34 -7.30
C LEU B 195 18.26 15.63 -6.58
N ASN B 196 19.16 16.41 -5.96
CA ASN B 196 20.30 15.87 -5.26
C ASN B 196 19.84 15.06 -4.04
N ARG B 197 18.73 15.50 -3.43
CA ARG B 197 18.14 14.80 -2.32
C ARG B 197 17.57 13.45 -2.78
N PHE B 198 16.82 13.49 -3.88
CA PHE B 198 16.34 12.29 -4.55
C PHE B 198 17.49 11.33 -4.86
N LEU B 199 18.56 11.84 -5.50
CA LEU B 199 19.66 10.97 -5.93
C LEU B 199 20.35 10.33 -4.72
N ASN B 200 20.53 11.10 -3.65
CA ASN B 200 21.18 10.60 -2.45
C ASN B 200 20.38 9.45 -1.85
N ALA B 201 19.06 9.64 -1.78
CA ALA B 201 18.13 8.65 -1.29
C ALA B 201 18.18 7.39 -2.15
N ARG B 202 18.10 7.56 -3.48
CA ARG B 202 18.10 6.42 -4.38
C ARG B 202 19.47 5.72 -4.35
N ALA B 203 20.56 6.48 -4.12
CA ALA B 203 21.88 5.91 -4.03
C ALA B 203 21.97 4.93 -2.85
N GLU B 204 21.30 5.26 -1.74
CA GLU B 204 21.33 4.40 -0.56
C GLU B 204 20.49 3.15 -0.79
N GLU B 205 19.42 3.28 -1.59
CA GLU B 205 18.45 2.20 -1.75
C GLU B 205 18.88 1.23 -2.85
N LEU B 206 19.56 1.75 -3.88
CA LEU B 206 20.01 0.92 -4.99
C LEU B 206 21.31 0.22 -4.61
N VAL B 207 21.39 -1.08 -4.97
CA VAL B 207 22.63 -1.84 -4.88
C VAL B 207 23.63 -1.26 -5.87
N GLY B 208 24.93 -1.56 -5.66
CA GLY B 208 25.94 -1.18 -6.63
C GLY B 208 25.66 -1.75 -8.02
N GLY B 209 25.71 -0.90 -9.04
CA GLY B 209 25.40 -1.29 -10.40
C GLY B 209 23.91 -1.15 -10.73
N GLY B 210 23.09 -0.81 -9.74
CA GLY B 210 21.67 -0.60 -9.96
C GLY B 210 21.42 0.51 -10.99
N LEU B 211 20.33 0.39 -11.76
CA LEU B 211 19.94 1.42 -12.71
C LEU B 211 18.84 2.32 -12.14
N LEU B 212 18.88 3.58 -12.58
CA LEU B 212 17.89 4.59 -12.25
C LEU B 212 17.49 5.26 -13.56
N VAL B 213 16.24 5.02 -13.97
CA VAL B 213 15.69 5.58 -15.19
C VAL B 213 14.81 6.78 -14.84
N ILE B 214 15.10 7.90 -15.49
CA ILE B 214 14.38 9.14 -15.21
C ILE B 214 13.88 9.70 -16.54
N GLN B 215 12.59 10.05 -16.58
CA GLN B 215 12.01 10.85 -17.64
C GLN B 215 11.29 12.04 -17.00
N LEU B 216 11.53 13.23 -17.54
CA LEU B 216 10.79 14.40 -17.10
C LEU B 216 10.78 15.44 -18.21
N PRO B 217 9.82 16.40 -18.20
CA PRO B 217 9.83 17.46 -19.20
C PRO B 217 11.01 18.39 -18.92
N GLY B 218 11.66 18.83 -19.98
CA GLY B 218 12.86 19.65 -19.88
C GLY B 218 12.92 20.66 -21.01
N VAL B 219 14.13 21.19 -21.24
CA VAL B 219 14.38 22.21 -22.25
C VAL B 219 15.49 21.72 -23.16
N PRO B 220 15.26 21.67 -24.49
CA PRO B 220 16.30 21.26 -25.43
C PRO B 220 17.34 22.36 -25.64
N SER B 221 18.51 21.99 -26.16
CA SER B 221 19.54 22.99 -26.42
C SER B 221 19.02 24.04 -27.39
N GLY B 222 19.35 25.31 -27.13
CA GLY B 222 18.91 26.40 -27.99
C GLY B 222 17.51 26.91 -27.63
N ALA B 223 16.95 26.43 -26.51
CA ALA B 223 15.65 26.91 -26.05
C ALA B 223 15.71 27.31 -24.58
N LEU B 224 14.63 27.96 -24.14
CA LEU B 224 14.39 28.29 -22.74
C LEU B 224 13.01 27.78 -22.35
N PRO B 225 12.71 27.64 -21.04
CA PRO B 225 11.40 27.19 -20.60
C PRO B 225 10.23 27.87 -21.32
N PHE B 226 10.35 29.18 -21.56
CA PHE B 226 9.20 29.94 -22.02
C PHE B 226 8.83 29.61 -23.46
N ASN B 227 9.70 28.96 -24.25
CA ASN B 227 9.30 28.59 -25.61
C ASN B 227 9.14 27.07 -25.75
N THR B 228 9.02 26.36 -24.61
CA THR B 228 8.41 25.03 -24.57
C THR B 228 6.92 25.18 -24.28
N GLY B 229 6.15 24.12 -24.58
CA GLY B 229 4.70 24.12 -24.39
C GLY B 229 4.28 24.40 -22.94
N ALA B 230 4.92 23.72 -21.99
CA ALA B 230 4.58 23.88 -20.59
C ALA B 230 4.87 25.32 -20.13
N GLY B 231 6.01 25.87 -20.59
CA GLY B 231 6.39 27.22 -20.24
C GLY B 231 5.46 28.28 -20.82
N PHE B 232 5.08 28.12 -22.10
CA PHE B 232 4.27 29.14 -22.74
C PHE B 232 2.84 29.12 -22.21
N LEU B 233 2.37 27.93 -21.80
CA LEU B 233 1.09 27.82 -21.13
C LEU B 233 1.08 28.69 -19.87
N GLN B 234 2.19 28.69 -19.12
CA GLN B 234 2.30 29.52 -17.93
C GLN B 234 2.37 31.00 -18.33
N GLU B 235 3.00 31.27 -19.49
CA GLU B 235 3.12 32.64 -19.98
C GLU B 235 1.76 33.23 -20.33
N LEU B 236 0.81 32.38 -20.75
CA LEU B 236 -0.53 32.85 -21.08
C LEU B 236 -1.36 33.03 -19.82
N LEU B 237 -1.03 32.30 -18.75
CA LEU B 237 -1.80 32.34 -17.51
C LEU B 237 -1.49 33.59 -16.70
N GLY B 238 -0.21 33.99 -16.66
CA GLY B 238 0.26 35.09 -15.84
C GLY B 238 -0.57 36.36 -16.06
N PRO B 239 -0.68 36.85 -17.32
CA PRO B 239 -1.53 37.98 -17.66
C PRO B 239 -3.02 37.77 -17.34
N CYS B 240 -3.51 36.54 -17.49
CA CYS B 240 -4.90 36.25 -17.15
C CYS B 240 -5.17 36.59 -15.69
N LEU B 241 -4.20 36.30 -14.80
CA LEU B 241 -4.35 36.64 -13.40
C LEU B 241 -4.32 38.16 -13.22
N PHE B 242 -3.48 38.85 -13.99
CA PHE B 242 -3.40 40.30 -13.90
C PHE B 242 -4.69 40.95 -14.40
N GLU B 243 -5.42 40.28 -15.30
CA GLU B 243 -6.68 40.82 -15.82
C GLU B 243 -7.71 40.91 -14.69
N SER B 251 -6.80 40.58 -6.36
CA SER B 251 -5.65 41.23 -5.68
C SER B 251 -4.40 41.15 -6.55
N HIS B 252 -3.82 42.32 -6.88
CA HIS B 252 -2.53 42.41 -7.53
C HIS B 252 -1.45 41.83 -6.61
N GLU B 253 -1.55 42.09 -5.30
CA GLU B 253 -0.52 41.71 -4.35
C GLU B 253 -0.32 40.19 -4.35
N LYS B 254 -1.43 39.45 -4.38
CA LYS B 254 -1.40 38.00 -4.33
C LYS B 254 -0.94 37.42 -5.66
N VAL B 255 -1.14 38.16 -6.76
CA VAL B 255 -0.61 37.75 -8.04
C VAL B 255 0.91 37.85 -8.00
N TYR B 256 1.44 38.93 -7.41
CA TYR B 256 2.88 39.14 -7.34
C TYR B 256 3.55 38.02 -6.55
N SER B 257 2.87 37.46 -5.54
CA SER B 257 3.48 36.46 -4.70
C SER B 257 3.18 35.04 -5.17
N PHE B 258 2.56 34.87 -6.35
CA PHE B 258 2.14 33.56 -6.82
C PHE B 258 3.24 32.92 -7.67
N ASN B 259 3.61 31.68 -7.31
CA ASN B 259 4.64 30.92 -8.00
C ASN B 259 4.30 29.44 -7.97
N LEU B 260 4.81 28.67 -8.94
CA LEU B 260 4.56 27.24 -9.00
C LEU B 260 5.82 26.46 -8.65
N PRO B 261 5.69 25.32 -7.92
CA PRO B 261 6.83 24.48 -7.55
C PRO B 261 7.26 23.49 -8.63
N MET B 262 7.76 24.02 -9.75
CA MET B 262 8.24 23.15 -10.81
C MET B 262 9.47 23.76 -11.50
N TYR B 263 10.23 22.86 -12.15
CA TYR B 263 11.40 23.27 -12.91
C TYR B 263 11.54 22.30 -14.08
N PHE B 264 11.83 22.86 -15.26
CA PHE B 264 12.13 22.08 -16.46
C PHE B 264 13.61 22.21 -16.77
N PRO B 265 14.46 21.21 -16.44
CA PRO B 265 15.91 21.39 -16.58
C PRO B 265 16.38 21.20 -18.02
N SER B 266 17.49 21.87 -18.36
CA SER B 266 18.23 21.61 -19.59
C SER B 266 19.08 20.37 -19.37
N ILE B 267 19.65 19.83 -20.46
CA ILE B 267 20.57 18.71 -20.33
C ILE B 267 21.82 19.16 -19.57
N GLU B 268 22.29 20.39 -19.83
CA GLU B 268 23.47 20.90 -19.14
C GLU B 268 23.20 20.95 -17.64
N GLU B 269 21.98 21.37 -17.24
CA GLU B 269 21.65 21.47 -15.83
C GLU B 269 21.66 20.10 -15.16
N LEU B 270 21.03 19.11 -15.81
CA LEU B 270 20.98 17.76 -15.27
C LEU B 270 22.40 17.24 -15.07
N ASN B 271 23.26 17.42 -16.08
CA ASN B 271 24.64 16.97 -16.02
C ASN B 271 25.39 17.61 -14.84
N LEU B 272 25.13 18.90 -14.57
CA LEU B 272 25.77 19.57 -13.46
C LEU B 272 25.32 18.91 -12.13
N VAL B 273 24.02 18.72 -11.96
CA VAL B 273 23.50 18.15 -10.72
C VAL B 273 24.02 16.72 -10.55
N ILE B 274 23.96 15.91 -11.63
CA ILE B 274 24.35 14.53 -11.53
C ILE B 274 25.83 14.44 -11.17
N LYS B 275 26.67 15.26 -11.83
CA LYS B 275 28.11 15.22 -11.60
C LYS B 275 28.43 15.68 -10.18
N GLY B 276 27.78 16.75 -9.72
CA GLY B 276 27.96 17.21 -8.36
C GLY B 276 27.56 16.18 -7.31
N ASN B 277 26.53 15.37 -7.62
CA ASN B 277 26.02 14.37 -6.70
C ASN B 277 27.06 13.27 -6.42
N GLY B 278 27.58 12.64 -7.49
CA GLY B 278 28.72 11.72 -7.34
C GLY B 278 28.36 10.24 -7.28
N HIS B 279 27.12 9.87 -6.95
CA HIS B 279 26.79 8.46 -6.70
C HIS B 279 26.42 7.70 -7.97
N PHE B 280 26.17 8.43 -9.07
CA PHE B 280 25.76 7.84 -10.33
C PHE B 280 26.65 8.29 -11.48
N THR B 281 26.81 7.42 -12.48
CA THR B 281 27.28 7.84 -13.79
C THR B 281 26.08 8.09 -14.70
N ALA B 282 26.18 9.12 -15.53
CA ALA B 282 25.14 9.45 -16.50
C ALA B 282 25.41 8.67 -17.79
N GLU B 283 24.77 7.51 -17.91
CA GLU B 283 25.02 6.59 -19.01
C GLU B 283 24.44 7.14 -20.31
N LYS B 284 23.33 7.87 -20.20
CA LYS B 284 22.72 8.49 -21.36
C LYS B 284 21.79 9.60 -20.90
N ILE B 285 21.85 10.73 -21.60
CA ILE B 285 20.85 11.77 -21.45
C ILE B 285 20.48 12.25 -22.85
N LYS B 286 19.19 12.14 -23.19
CA LYS B 286 18.74 12.51 -24.52
C LYS B 286 17.27 12.92 -24.46
N ILE B 287 16.81 13.53 -25.56
CA ILE B 287 15.44 13.96 -25.70
C ILE B 287 14.74 13.01 -26.67
N LEU B 288 13.57 12.50 -26.27
CA LEU B 288 12.81 11.54 -27.05
C LEU B 288 11.81 12.29 -27.93
N ASN B 289 11.53 11.72 -29.12
CA ASN B 289 10.60 12.32 -30.05
C ASN B 289 9.33 11.46 -30.12
N LEU B 295 0.81 16.69 -33.98
CA LEU B 295 -0.66 16.86 -33.91
C LEU B 295 -1.00 18.28 -33.47
N LEU B 296 -2.13 18.80 -33.98
CA LEU B 296 -2.46 20.22 -33.86
C LEU B 296 -2.90 20.53 -32.43
N PHE B 297 -2.51 21.71 -31.94
CA PHE B 297 -2.91 22.20 -30.63
C PHE B 297 -4.42 22.20 -30.50
N ASP B 298 -4.92 21.64 -29.39
CA ASP B 298 -6.35 21.62 -29.10
C ASP B 298 -6.63 22.53 -27.91
N ALA B 299 -7.13 23.75 -28.20
CA ALA B 299 -7.39 24.75 -27.18
C ALA B 299 -8.28 24.20 -26.07
N LYS B 300 -9.46 23.67 -26.43
CA LYS B 300 -10.44 23.20 -25.46
C LYS B 300 -9.82 22.12 -24.57
N MET B 301 -9.32 21.04 -25.17
CA MET B 301 -8.77 19.92 -24.42
C MET B 301 -7.63 20.39 -23.53
N THR B 302 -6.72 21.20 -24.07
CA THR B 302 -5.58 21.69 -23.30
C THR B 302 -6.05 22.46 -22.08
N CYS B 303 -7.07 23.31 -22.26
CA CYS B 303 -7.57 24.14 -21.17
C CYS B 303 -8.08 23.27 -20.02
N LEU B 304 -8.78 22.17 -20.38
CA LEU B 304 -9.30 21.25 -19.39
C LEU B 304 -8.16 20.56 -18.64
N GLN B 305 -7.13 20.13 -19.36
CA GLN B 305 -6.01 19.42 -18.74
C GLN B 305 -5.19 20.38 -17.88
N PHE B 306 -4.92 21.58 -18.39
CA PHE B 306 -4.18 22.58 -17.65
C PHE B 306 -4.90 22.88 -16.32
N ARG B 307 -6.22 23.07 -16.40
CA ARG B 307 -7.02 23.39 -15.23
C ARG B 307 -6.86 22.28 -14.19
N SER B 308 -7.00 21.01 -14.62
CA SER B 308 -6.98 19.90 -13.69
C SER B 308 -5.66 19.84 -12.91
N ILE B 309 -4.55 20.24 -13.55
CA ILE B 309 -3.24 20.17 -12.90
C ILE B 309 -3.05 21.32 -11.93
N PHE B 310 -3.50 22.54 -12.30
CA PHE B 310 -3.07 23.75 -11.62
C PHE B 310 -4.20 24.42 -10.83
N GLU B 311 -5.44 23.93 -10.99
CA GLU B 311 -6.58 24.53 -10.30
C GLU B 311 -6.27 24.62 -8.81
N GLY B 312 -5.80 23.50 -8.23
CA GLY B 312 -5.50 23.41 -6.81
C GLY B 312 -4.54 24.51 -6.34
N PHE B 313 -3.46 24.73 -7.08
CA PHE B 313 -2.43 25.70 -6.71
C PHE B 313 -3.04 27.09 -6.68
N ILE B 314 -3.89 27.39 -7.67
CA ILE B 314 -4.56 28.67 -7.78
C ILE B 314 -5.54 28.84 -6.62
N LYS B 315 -6.35 27.80 -6.36
CA LYS B 315 -7.37 27.86 -5.32
C LYS B 315 -6.73 28.12 -3.96
N ASP B 316 -5.59 27.46 -3.70
CA ASP B 316 -4.93 27.53 -2.41
C ASP B 316 -4.36 28.93 -2.18
N HIS B 317 -3.76 29.51 -3.23
CA HIS B 317 -3.10 30.81 -3.11
C HIS B 317 -4.15 31.92 -2.97
N VAL B 323 -12.00 30.58 -10.18
CA VAL B 323 -11.53 29.58 -11.18
C VAL B 323 -12.42 29.64 -12.43
N ASP B 324 -13.72 29.88 -12.23
CA ASP B 324 -14.67 30.00 -13.33
C ASP B 324 -14.23 31.15 -14.24
N GLN B 325 -14.18 32.36 -13.69
CA GLN B 325 -13.93 33.57 -14.47
C GLN B 325 -12.54 33.50 -15.12
N LEU B 326 -11.57 32.90 -14.41
CA LEU B 326 -10.18 32.86 -14.83
C LEU B 326 -9.98 31.95 -16.04
N PHE B 327 -10.55 30.74 -15.98
CA PHE B 327 -10.31 29.73 -16.99
C PHE B 327 -11.23 29.95 -18.20
N ASP B 328 -12.19 30.87 -18.08
CA ASP B 328 -12.92 31.40 -19.22
C ASP B 328 -12.01 32.32 -20.03
N LEU B 329 -11.18 33.09 -19.33
CA LEU B 329 -10.26 34.04 -19.96
C LEU B 329 -9.05 33.28 -20.53
N TYR B 330 -8.68 32.16 -19.88
CA TYR B 330 -7.55 31.34 -20.31
C TYR B 330 -7.92 30.57 -21.57
N ALA B 331 -9.17 30.08 -21.64
CA ALA B 331 -9.65 29.30 -22.76
C ALA B 331 -9.69 30.13 -24.04
N LYS B 332 -10.06 31.42 -23.91
CA LYS B 332 -10.10 32.33 -25.03
C LYS B 332 -8.68 32.69 -25.46
N LYS B 333 -7.73 32.70 -24.51
CA LYS B 333 -6.35 33.07 -24.78
C LYS B 333 -5.63 31.94 -25.50
N LEU B 334 -5.88 30.68 -25.09
CA LEU B 334 -5.37 29.52 -25.78
C LEU B 334 -5.90 29.47 -27.21
N GLU B 335 -7.17 29.88 -27.36
CA GLU B 335 -7.86 29.83 -28.64
C GLU B 335 -7.07 30.62 -29.67
N GLU B 336 -6.68 31.85 -29.30
CA GLU B 336 -6.01 32.77 -30.21
C GLU B 336 -4.50 32.50 -30.25
N SER B 337 -4.03 31.43 -29.58
CA SER B 337 -2.62 31.11 -29.54
C SER B 337 -2.32 29.81 -30.28
N CYS B 338 -3.30 29.26 -31.00
CA CYS B 338 -3.19 27.98 -31.69
C CYS B 338 -1.95 27.90 -32.60
N SER B 339 -1.81 28.88 -33.51
CA SER B 339 -0.76 28.84 -34.50
C SER B 339 0.61 29.00 -33.84
N ILE B 340 0.67 29.71 -32.71
CA ILE B 340 1.89 29.81 -31.93
C ILE B 340 2.30 28.43 -31.42
N PHE B 341 1.36 27.69 -30.83
CA PHE B 341 1.67 26.35 -30.34
C PHE B 341 2.02 25.42 -31.50
N ASP B 342 1.42 25.67 -32.67
CA ASP B 342 1.60 24.79 -33.82
C ASP B 342 2.96 25.02 -34.49
N GLN B 343 3.52 26.24 -34.42
CA GLN B 343 4.69 26.53 -35.25
C GLN B 343 5.78 27.37 -34.57
N GLU B 344 5.63 27.75 -33.28
CA GLU B 344 6.65 28.56 -32.63
C GLU B 344 7.17 27.94 -31.32
N ILE B 345 6.60 26.81 -30.90
CA ILE B 345 6.91 26.24 -29.60
C ILE B 345 7.67 24.93 -29.78
N ARG B 346 8.77 24.75 -29.03
CA ARG B 346 9.57 23.54 -29.10
C ARG B 346 8.80 22.39 -28.44
N LYS B 347 8.71 21.26 -29.15
CA LYS B 347 7.98 20.08 -28.74
C LYS B 347 8.93 18.98 -28.28
N ASP B 348 10.24 19.21 -28.47
CA ASP B 348 11.27 18.24 -28.11
C ASP B 348 11.70 18.50 -26.66
N VAL B 349 10.93 17.94 -25.71
CA VAL B 349 11.02 18.32 -24.30
C VAL B 349 11.12 17.10 -23.39
N ASP B 350 10.86 15.90 -23.91
CA ASP B 350 10.82 14.69 -23.11
C ASP B 350 12.24 14.17 -22.87
N LEU B 351 12.80 14.48 -21.70
CA LEU B 351 14.16 14.06 -21.38
C LEU B 351 14.14 12.60 -20.93
N PHE B 352 15.14 11.84 -21.39
CA PHE B 352 15.39 10.49 -20.92
C PHE B 352 16.79 10.47 -20.31
N VAL B 353 16.87 9.92 -19.10
CA VAL B 353 18.09 9.93 -18.31
C VAL B 353 18.31 8.52 -17.77
N LEU B 354 19.41 7.89 -18.15
CA LEU B 354 19.78 6.61 -17.57
C LEU B 354 21.02 6.79 -16.68
N LEU B 355 20.85 6.47 -15.40
CA LEU B 355 21.94 6.56 -14.44
C LEU B 355 22.26 5.17 -13.90
N LYS B 356 23.51 4.99 -13.49
CA LYS B 356 23.96 3.73 -12.95
C LYS B 356 24.67 3.98 -11.63
N ARG B 357 24.25 3.23 -10.60
CA ARG B 357 24.78 3.35 -9.27
C ARG B 357 26.22 2.86 -9.23
N VAL B 358 27.13 3.79 -8.96
CA VAL B 358 28.55 3.54 -8.81
C VAL B 358 28.80 2.47 -7.74
N LEU B 359 29.83 1.64 -7.96
CA LEU B 359 30.20 0.60 -7.01
C LEU B 359 30.97 1.18 -5.83
N GLU B 360 31.23 0.31 -4.84
CA GLU B 360 32.08 0.61 -3.70
C GLU B 360 31.53 1.84 -2.96
#